data_9OIC
#
_entry.id   9OIC
#
loop_
_entity.id
_entity.type
_entity.pdbx_description
1 polymer 'Potassium voltage-gated channel protein Shaker'
2 non-polymer 'POTASSIUM ION'
#
_entity_poly.entity_id   1
_entity_poly.type   'polypeptide(L)'
_entity_poly.pdbx_seq_one_letter_code
;MAAVALREQQLQRNSLDGYGSLPKLSSQDEEGGAGHGFGGGPQHFEPIPHDHDFCERVVINVSGLRFETQLRTLNQFPDT
LLGDPARRLRYFDPLRNEYFFDRSRPSFDAILYYYQSGGRLRRPVNVPLDVFSEEIKFYELGDQAINKFREDEGFIKEEE
RPLPDNEKQRKVWLLFEYPESSQAARVVAIISVFVILLSIVIFCLETLPEFKHYKVFNTTTNGTKIEEDEVPDITDPFFL
IETLCIIWFTFELTVRFLACPNKLNFCRDVMNVIDIIAIIPYFITLATVVAEEEDTLNLPKAPVSPQDKSSNQAMSLAIL
RVIRLVRVFRIFKLSRHSKGLQRLGRTLKASMRELGLLIFFLFIGVVLFSSAVYFAEAGSENSFFKSIPDAFWWAVVTMT
TVGYGDMTPVGVWGKIVGSLCAIAGVLTIALPVPVIVSNFNYFYHRETDQEEMQSQNFNHVTSCPYLPGTLVGQHMKKSS
LSESSSDMMDLDDGVESTPGLTETHPGRSAVAPFLGAQQQQQQPVASSLSMSIDKQLQHPLQQLTQTQLYQQQQQQQQQQ
QNGFKQQQQQTQQQLQQQQSHTINASAAAATSGSGSSGLTMRHNNALAVSIETDV
;
_entity_poly.pdbx_strand_id   A,B,C,D
#
# COMPACT_ATOMS: atom_id res chain seq x y z
N GLN A 169 -18.46 -43.14 -25.84
CA GLN A 169 -18.20 -41.71 -25.86
C GLN A 169 -18.81 -41.02 -24.65
N ARG A 170 -20.14 -41.13 -24.52
CA ARG A 170 -20.81 -40.53 -23.38
C ARG A 170 -20.42 -41.17 -22.06
N LYS A 171 -19.90 -42.40 -22.09
CA LYS A 171 -19.44 -43.04 -20.86
C LYS A 171 -18.19 -42.35 -20.33
N VAL A 172 -17.20 -42.12 -21.18
CA VAL A 172 -15.99 -41.43 -20.75
C VAL A 172 -16.22 -39.93 -20.61
N TRP A 173 -17.24 -39.38 -21.26
CA TRP A 173 -17.71 -38.05 -20.91
C TRP A 173 -18.52 -38.14 -19.63
N LEU A 174 -18.71 -36.98 -18.99
CA LEU A 174 -19.28 -36.90 -17.64
C LEU A 174 -18.39 -37.61 -16.64
N LEU A 175 -17.25 -38.13 -17.11
CA LEU A 175 -16.22 -38.76 -16.31
C LEU A 175 -14.89 -38.06 -16.43
N PHE A 176 -14.50 -37.68 -17.63
CA PHE A 176 -13.33 -36.82 -17.83
C PHE A 176 -13.65 -35.34 -17.74
N GLU A 177 -14.92 -34.99 -17.59
CA GLU A 177 -15.35 -33.60 -17.52
C GLU A 177 -16.16 -33.24 -16.28
N TYR A 178 -16.86 -34.21 -15.69
CA TYR A 178 -17.73 -33.96 -14.53
C TYR A 178 -17.26 -34.82 -13.37
N PRO A 179 -16.36 -34.30 -12.52
CA PRO A 179 -15.85 -35.11 -11.40
C PRO A 179 -16.91 -35.56 -10.43
N GLU A 180 -17.99 -34.79 -10.27
CA GLU A 180 -19.00 -35.13 -9.27
C GLU A 180 -19.89 -36.28 -9.70
N SER A 181 -19.81 -36.71 -10.96
CA SER A 181 -20.70 -37.75 -11.45
C SER A 181 -20.47 -39.08 -10.73
N SER A 182 -19.22 -39.45 -10.51
CA SER A 182 -18.90 -40.73 -9.90
C SER A 182 -17.56 -40.62 -9.18
N GLN A 183 -17.28 -41.63 -8.34
CA GLN A 183 -16.02 -41.65 -7.62
C GLN A 183 -14.84 -41.75 -8.56
N ALA A 184 -14.99 -42.49 -9.66
CA ALA A 184 -13.92 -42.60 -10.64
C ALA A 184 -13.61 -41.25 -11.26
N ALA A 185 -14.63 -40.46 -11.56
CA ALA A 185 -14.41 -39.13 -12.12
C ALA A 185 -13.70 -38.23 -11.11
N ARG A 186 -14.07 -38.32 -9.84
CA ARG A 186 -13.38 -37.55 -8.80
C ARG A 186 -11.93 -37.97 -8.70
N VAL A 187 -11.65 -39.27 -8.81
CA VAL A 187 -10.27 -39.76 -8.78
C VAL A 187 -9.49 -39.21 -9.97
N VAL A 188 -10.12 -39.19 -11.15
CA VAL A 188 -9.46 -38.67 -12.35
C VAL A 188 -9.14 -37.19 -12.17
N ALA A 189 -10.09 -36.42 -11.64
CA ALA A 189 -9.85 -35.00 -11.41
C ALA A 189 -8.73 -34.78 -10.40
N ILE A 190 -8.71 -35.60 -9.33
CA ILE A 190 -7.67 -35.47 -8.32
C ILE A 190 -6.30 -35.78 -8.92
N ILE A 191 -6.21 -36.83 -9.73
CA ILE A 191 -4.93 -37.18 -10.33
C ILE A 191 -4.51 -36.10 -11.33
N SER A 192 -5.46 -35.48 -12.04
CA SER A 192 -5.12 -34.40 -12.94
C SER A 192 -4.56 -33.20 -12.18
N VAL A 193 -5.19 -32.85 -11.05
CA VAL A 193 -4.68 -31.75 -10.24
C VAL A 193 -3.29 -32.07 -9.71
N PHE A 194 -3.09 -33.32 -9.28
CA PHE A 194 -1.78 -33.72 -8.78
C PHE A 194 -0.72 -33.62 -9.88
N VAL A 195 -1.07 -34.04 -11.10
CA VAL A 195 -0.12 -33.95 -12.21
C VAL A 195 0.19 -32.50 -12.53
N ILE A 196 -0.81 -31.63 -12.49
CA ILE A 196 -0.57 -30.20 -12.76
C ILE A 196 0.38 -29.63 -11.71
N LEU A 197 0.13 -29.95 -10.44
CA LEU A 197 1.00 -29.44 -9.37
C LEU A 197 2.41 -29.98 -9.51
N LEU A 198 2.55 -31.27 -9.84
CA LEU A 198 3.87 -31.86 -10.02
C LEU A 198 4.61 -31.19 -11.18
N SER A 199 3.90 -30.93 -12.28
CA SER A 199 4.54 -30.27 -13.42
C SER A 199 4.98 -28.86 -13.05
N ILE A 200 4.15 -28.13 -12.30
CA ILE A 200 4.53 -26.78 -11.87
C ILE A 200 5.77 -26.84 -10.99
N VAL A 201 5.78 -27.76 -10.03
CA VAL A 201 6.93 -27.88 -9.12
C VAL A 201 8.19 -28.24 -9.88
N ILE A 202 8.09 -29.16 -10.83
CA ILE A 202 9.24 -29.54 -11.63
C ILE A 202 9.73 -28.36 -12.45
N PHE A 203 8.82 -27.60 -13.05
CA PHE A 203 9.21 -26.43 -13.83
C PHE A 203 9.94 -25.41 -12.97
N CYS A 204 9.45 -25.17 -11.76
CA CYS A 204 10.10 -24.20 -10.89
C CYS A 204 11.44 -24.73 -10.37
N LEU A 205 11.51 -26.02 -10.06
CA LEU A 205 12.70 -26.58 -9.44
C LEU A 205 13.86 -26.77 -10.40
N GLU A 206 13.57 -27.07 -11.66
CA GLU A 206 14.62 -27.50 -12.59
C GLU A 206 15.62 -26.40 -12.89
N THR A 207 15.31 -25.15 -12.57
CA THR A 207 16.20 -24.03 -12.86
C THR A 207 17.06 -23.63 -11.66
N LEU A 208 17.00 -24.38 -10.58
CA LEU A 208 17.82 -24.07 -9.42
C LEU A 208 19.30 -24.20 -9.77
N PRO A 209 20.16 -23.37 -9.19
CA PRO A 209 21.59 -23.41 -9.56
C PRO A 209 22.24 -24.75 -9.29
N GLU A 210 21.81 -25.47 -8.25
CA GLU A 210 22.40 -26.77 -7.94
C GLU A 210 21.87 -27.89 -8.84
N PHE A 211 20.82 -27.63 -9.62
CA PHE A 211 20.23 -28.65 -10.48
C PHE A 211 20.61 -28.47 -11.95
N LYS A 212 20.72 -27.23 -12.42
CA LYS A 212 21.04 -26.99 -13.82
C LYS A 212 22.47 -27.40 -14.13
N HIS A 213 22.69 -27.80 -15.38
CA HIS A 213 24.00 -28.25 -15.85
C HIS A 213 24.64 -27.19 -16.72
N TYR A 214 25.96 -27.20 -16.77
CA TYR A 214 26.72 -26.22 -17.54
C TYR A 214 27.60 -26.90 -18.57
N PRO A 232 19.20 -30.74 -22.28
CA PRO A 232 18.62 -31.91 -21.58
C PRO A 232 19.13 -33.24 -22.14
N ASP A 233 18.77 -34.33 -21.49
CA ASP A 233 19.22 -35.65 -21.92
C ASP A 233 18.23 -36.71 -21.43
N ILE A 234 18.46 -37.94 -21.87
CA ILE A 234 17.49 -39.02 -21.64
C ILE A 234 17.44 -39.40 -20.17
N THR A 235 18.58 -39.44 -19.49
CA THR A 235 18.65 -39.96 -18.13
C THR A 235 18.28 -38.92 -17.08
N ASP A 236 17.95 -37.70 -17.47
CA ASP A 236 17.64 -36.65 -16.50
C ASP A 236 16.32 -36.96 -15.79
N PRO A 237 16.30 -37.07 -14.47
CA PRO A 237 15.02 -37.34 -13.78
C PRO A 237 13.98 -36.25 -14.00
N PHE A 238 14.41 -34.99 -14.08
CA PHE A 238 13.47 -33.92 -14.38
C PHE A 238 12.85 -34.12 -15.76
N PHE A 239 13.66 -34.57 -16.73
CA PHE A 239 13.11 -34.87 -18.05
C PHE A 239 12.10 -36.01 -17.97
N LEU A 240 12.38 -37.03 -17.16
CA LEU A 240 11.43 -38.14 -17.03
C LEU A 240 10.11 -37.67 -16.45
N ILE A 241 10.16 -36.85 -15.40
CA ILE A 241 8.92 -36.35 -14.82
C ILE A 241 8.18 -35.46 -15.80
N GLU A 242 8.92 -34.67 -16.58
CA GLU A 242 8.28 -33.84 -17.59
C GLU A 242 7.59 -34.68 -18.65
N THR A 243 8.24 -35.77 -19.10
CA THR A 243 7.61 -36.63 -20.09
C THR A 243 6.37 -37.30 -19.52
N LEU A 244 6.42 -37.73 -18.25
CA LEU A 244 5.24 -38.32 -17.63
C LEU A 244 4.08 -37.32 -17.59
N CYS A 245 4.36 -36.09 -17.16
CA CYS A 245 3.32 -35.08 -17.09
C CYS A 245 2.76 -34.77 -18.46
N ILE A 246 3.62 -34.65 -19.47
CA ILE A 246 3.16 -34.33 -20.81
C ILE A 246 2.35 -35.48 -21.39
N ILE A 247 2.75 -36.72 -21.10
CA ILE A 247 1.99 -37.88 -21.57
C ILE A 247 0.60 -37.88 -20.97
N TRP A 248 0.50 -37.61 -19.66
CA TRP A 248 -0.82 -37.55 -19.05
C TRP A 248 -1.64 -36.42 -19.64
N PHE A 249 -1.02 -35.25 -19.85
CA PHE A 249 -1.75 -34.12 -20.41
C PHE A 249 -2.28 -34.43 -21.80
N THR A 250 -1.45 -35.03 -22.65
CA THR A 250 -1.89 -35.31 -24.01
C THR A 250 -2.94 -36.41 -24.04
N PHE A 251 -2.82 -37.40 -23.16
CA PHE A 251 -3.86 -38.43 -23.10
C PHE A 251 -5.19 -37.83 -22.67
N GLU A 252 -5.17 -36.98 -21.65
CA GLU A 252 -6.41 -36.35 -21.20
C GLU A 252 -7.00 -35.46 -22.28
N LEU A 253 -6.15 -34.68 -22.97
CA LEU A 253 -6.66 -33.80 -24.02
C LEU A 253 -7.25 -34.59 -25.17
N THR A 254 -6.59 -35.66 -25.59
CA THR A 254 -7.12 -36.48 -26.67
C THR A 254 -8.44 -37.13 -26.27
N VAL A 255 -8.53 -37.64 -25.05
CA VAL A 255 -9.78 -38.26 -24.60
C VAL A 255 -10.90 -37.23 -24.58
N ARG A 256 -10.63 -36.03 -24.04
CA ARG A 256 -11.66 -35.00 -23.98
C ARG A 256 -12.08 -34.56 -25.37
N PHE A 257 -11.12 -34.41 -26.29
CA PHE A 257 -11.47 -34.01 -27.65
C PHE A 257 -12.32 -35.07 -28.35
N LEU A 258 -11.98 -36.34 -28.16
CA LEU A 258 -12.75 -37.40 -28.80
C LEU A 258 -14.13 -37.54 -28.18
N ALA A 259 -14.26 -37.29 -26.87
CA ALA A 259 -15.52 -37.47 -26.18
C ALA A 259 -16.40 -36.22 -26.18
N CYS A 260 -15.91 -35.10 -26.71
CA CYS A 260 -16.71 -33.89 -26.70
C CYS A 260 -17.90 -34.05 -27.64
N PRO A 261 -19.07 -33.53 -27.27
CA PRO A 261 -20.24 -33.61 -28.17
C PRO A 261 -20.21 -32.61 -29.31
N ASN A 262 -19.34 -31.60 -29.24
CA ASN A 262 -19.26 -30.58 -30.29
C ASN A 262 -17.80 -30.23 -30.49
N LYS A 263 -17.30 -30.44 -31.71
CA LYS A 263 -15.92 -30.09 -32.02
C LYS A 263 -15.74 -28.59 -32.21
N LEU A 264 -16.80 -27.88 -32.57
CA LEU A 264 -16.69 -26.45 -32.86
C LEU A 264 -16.33 -25.66 -31.60
N ASN A 265 -17.08 -25.87 -30.52
CA ASN A 265 -16.86 -25.09 -29.31
C ASN A 265 -15.71 -25.65 -28.46
N PHE A 266 -15.23 -26.86 -28.74
CA PHE A 266 -14.13 -27.41 -27.97
C PHE A 266 -12.86 -26.58 -28.17
N CYS A 267 -12.57 -26.19 -29.40
CA CYS A 267 -11.42 -25.35 -29.65
C CYS A 267 -11.64 -23.93 -29.15
N ARG A 268 -12.88 -23.44 -29.22
CA ARG A 268 -13.17 -22.08 -28.80
C ARG A 268 -13.12 -21.88 -27.30
N ASP A 269 -13.27 -22.95 -26.53
CA ASP A 269 -13.29 -22.83 -25.07
C ASP A 269 -11.89 -22.54 -24.54
N VAL A 270 -11.78 -21.55 -23.65
CA VAL A 270 -10.48 -21.12 -23.16
C VAL A 270 -9.82 -22.19 -22.31
N MET A 271 -10.61 -22.96 -21.55
CA MET A 271 -10.06 -24.00 -20.70
C MET A 271 -9.39 -25.11 -21.51
N ASN A 272 -9.65 -25.19 -22.82
CA ASN A 272 -8.95 -26.12 -23.70
C ASN A 272 -7.81 -25.46 -24.45
N VAL A 273 -7.92 -24.17 -24.77
CA VAL A 273 -6.80 -23.49 -25.41
C VAL A 273 -5.63 -23.39 -24.45
N ILE A 274 -5.91 -23.18 -23.15
CA ILE A 274 -4.82 -23.17 -22.18
C ILE A 274 -4.16 -24.53 -22.10
N ASP A 275 -4.94 -25.61 -22.26
CA ASP A 275 -4.37 -26.95 -22.29
C ASP A 275 -3.49 -27.14 -23.50
N ILE A 276 -3.97 -26.75 -24.69
CA ILE A 276 -3.21 -27.03 -25.90
C ILE A 276 -1.95 -26.17 -25.98
N ILE A 277 -1.97 -24.96 -25.41
CA ILE A 277 -0.74 -24.18 -25.35
C ILE A 277 0.28 -24.84 -24.42
N ALA A 278 -0.18 -25.44 -23.32
CA ALA A 278 0.72 -25.98 -22.32
C ALA A 278 1.50 -27.21 -22.79
N ILE A 279 1.11 -27.82 -23.91
CA ILE A 279 1.79 -29.02 -24.40
C ILE A 279 2.76 -28.71 -25.54
N ILE A 280 2.55 -27.61 -26.27
CA ILE A 280 3.41 -27.30 -27.42
C ILE A 280 4.90 -27.25 -27.05
N PRO A 281 5.32 -26.57 -25.98
CA PRO A 281 6.77 -26.41 -25.76
C PRO A 281 7.52 -27.73 -25.63
N TYR A 282 6.89 -28.77 -25.08
CA TYR A 282 7.55 -30.08 -25.02
C TYR A 282 7.88 -30.59 -26.41
N PHE A 283 6.94 -30.50 -27.34
CA PHE A 283 7.16 -31.06 -28.67
C PHE A 283 8.25 -30.30 -29.42
N ILE A 284 8.32 -28.97 -29.26
CA ILE A 284 9.39 -28.21 -29.88
C ILE A 284 10.74 -28.63 -29.31
N THR A 285 10.80 -28.82 -27.98
CA THR A 285 12.04 -29.27 -27.36
C THR A 285 12.44 -30.66 -27.85
N LEU A 286 11.46 -31.55 -28.00
CA LEU A 286 11.74 -32.93 -28.41
C LEU A 286 12.35 -32.99 -29.80
N ALA A 287 11.88 -32.12 -30.71
CA ALA A 287 12.38 -32.15 -32.08
C ALA A 287 13.87 -31.85 -32.14
N THR A 288 14.33 -30.89 -31.35
CA THR A 288 15.75 -30.53 -31.36
C THR A 288 16.61 -31.68 -30.81
N VAL A 289 16.09 -32.40 -29.82
CA VAL A 289 16.85 -33.51 -29.24
C VAL A 289 17.06 -34.61 -30.27
N VAL A 290 16.01 -34.94 -31.03
CA VAL A 290 16.11 -35.97 -32.05
C VAL A 290 16.93 -35.48 -33.24
N SER A 316 18.35 -16.77 -32.55
CA SER A 316 17.40 -17.86 -32.44
C SER A 316 17.21 -18.30 -31.00
N LEU A 317 18.19 -17.97 -30.15
CA LEU A 317 18.10 -18.32 -28.74
C LEU A 317 16.97 -17.58 -28.04
N ALA A 318 16.60 -16.40 -28.54
CA ALA A 318 15.47 -15.67 -27.98
C ALA A 318 14.18 -16.46 -28.15
N ILE A 319 14.00 -17.11 -29.31
CA ILE A 319 12.84 -17.96 -29.51
C ILE A 319 12.85 -19.13 -28.53
N LEU A 320 14.03 -19.56 -28.09
CA LEU A 320 14.11 -20.67 -27.15
C LEU A 320 13.67 -20.24 -25.74
N ARG A 321 13.93 -18.98 -25.38
CA ARG A 321 13.57 -18.55 -24.03
C ARG A 321 12.06 -18.32 -23.88
N VAL A 322 11.39 -17.84 -24.92
CA VAL A 322 9.96 -17.55 -24.80
C VAL A 322 9.15 -18.84 -24.71
N ILE A 323 9.50 -19.85 -25.52
CA ILE A 323 8.74 -21.09 -25.50
C ILE A 323 8.89 -21.80 -24.16
N ARG A 324 10.08 -21.71 -23.55
CA ARG A 324 10.25 -22.27 -22.22
C ARG A 324 9.36 -21.56 -21.21
N LEU A 325 9.24 -20.23 -21.34
CA LEU A 325 8.35 -19.48 -20.46
C LEU A 325 6.89 -19.87 -20.67
N VAL A 326 6.55 -20.30 -21.89
CA VAL A 326 5.15 -20.62 -22.20
C VAL A 326 4.62 -21.73 -21.31
N ARG A 327 5.49 -22.65 -20.88
CA ARG A 327 5.06 -23.76 -20.04
C ARG A 327 4.45 -23.30 -18.72
N VAL A 328 4.73 -22.07 -18.30
CA VAL A 328 4.20 -21.57 -17.03
C VAL A 328 2.69 -21.44 -17.05
N PHE A 329 2.06 -21.53 -18.21
CA PHE A 329 0.59 -21.48 -18.28
C PHE A 329 -0.05 -22.75 -17.73
N ARG A 330 0.74 -23.69 -17.20
CA ARG A 330 0.18 -24.90 -16.62
C ARG A 330 -0.67 -24.61 -15.39
N ILE A 331 -0.50 -23.45 -14.77
CA ILE A 331 -1.27 -23.13 -13.57
C ILE A 331 -2.75 -22.98 -13.90
N PHE A 332 -3.07 -22.53 -15.11
CA PHE A 332 -4.43 -22.10 -15.41
C PHE A 332 -5.43 -23.25 -15.49
N LYS A 333 -4.97 -24.49 -15.68
CA LYS A 333 -5.95 -25.58 -15.63
C LYS A 333 -6.47 -25.85 -14.23
N LEU A 334 -5.82 -25.29 -13.19
CA LEU A 334 -6.36 -25.41 -11.84
C LEU A 334 -7.71 -24.74 -11.71
N SER A 335 -8.02 -23.77 -12.58
CA SER A 335 -9.31 -23.10 -12.53
C SER A 335 -10.45 -24.06 -12.83
N ARG A 336 -10.18 -25.11 -13.60
CA ARG A 336 -11.23 -26.07 -13.95
C ARG A 336 -11.76 -26.78 -12.71
N HIS A 337 -10.87 -27.17 -11.80
CA HIS A 337 -11.26 -27.92 -10.62
C HIS A 337 -11.58 -27.03 -9.43
N SER A 338 -11.35 -25.73 -9.52
CA SER A 338 -11.61 -24.81 -8.42
C SER A 338 -12.83 -23.96 -8.77
N LYS A 339 -13.96 -24.23 -8.12
CA LYS A 339 -15.16 -23.44 -8.35
C LYS A 339 -14.96 -22.00 -7.90
N GLY A 340 -14.29 -21.80 -6.77
CA GLY A 340 -14.01 -20.45 -6.31
C GLY A 340 -13.16 -19.67 -7.29
N LEU A 341 -12.17 -20.34 -7.90
CA LEU A 341 -11.35 -19.66 -8.90
C LEU A 341 -12.17 -19.31 -10.14
N GLN A 342 -13.12 -20.18 -10.53
CA GLN A 342 -14.01 -19.83 -11.63
C GLN A 342 -14.84 -18.59 -11.29
N ARG A 343 -15.36 -18.53 -10.07
CA ARG A 343 -16.16 -17.37 -9.67
C ARG A 343 -15.30 -16.11 -9.66
N LEU A 344 -14.08 -16.20 -9.16
CA LEU A 344 -13.19 -15.04 -9.13
C LEU A 344 -12.85 -14.59 -10.55
N GLY A 345 -12.59 -15.54 -11.44
CA GLY A 345 -12.32 -15.18 -12.83
C GLY A 345 -13.51 -14.50 -13.49
N ARG A 346 -14.72 -15.00 -13.22
CA ARG A 346 -15.92 -14.35 -13.75
C ARG A 346 -16.05 -12.94 -13.19
N THR A 347 -15.79 -12.76 -11.89
CA THR A 347 -15.86 -11.43 -11.30
C THR A 347 -14.86 -10.48 -11.94
N LEU A 348 -13.63 -10.95 -12.16
CA LEU A 348 -12.62 -10.11 -12.80
C LEU A 348 -13.00 -9.78 -14.23
N LYS A 349 -13.51 -10.76 -14.97
CA LYS A 349 -13.88 -10.53 -16.36
C LYS A 349 -15.05 -9.56 -16.48
N ALA A 350 -15.98 -9.60 -15.52
CA ALA A 350 -17.11 -8.68 -15.55
C ALA A 350 -16.69 -7.24 -15.36
N SER A 351 -15.52 -7.00 -14.77
CA SER A 351 -15.01 -5.65 -14.55
C SER A 351 -13.78 -5.35 -15.40
N MET A 352 -13.60 -6.04 -16.52
CA MET A 352 -12.40 -5.85 -17.34
C MET A 352 -12.34 -4.44 -17.91
N ARG A 353 -13.47 -3.90 -18.36
CA ARG A 353 -13.46 -2.60 -19.04
C ARG A 353 -13.08 -1.49 -18.08
N GLU A 354 -13.64 -1.47 -16.87
CA GLU A 354 -13.29 -0.45 -15.91
C GLU A 354 -11.85 -0.61 -15.43
N LEU A 355 -11.36 -1.83 -15.31
CA LEU A 355 -9.95 -2.04 -14.98
C LEU A 355 -9.05 -1.49 -16.08
N GLY A 356 -9.44 -1.69 -17.34
CA GLY A 356 -8.67 -1.11 -18.43
C GLY A 356 -8.69 0.41 -18.40
N LEU A 357 -9.84 1.00 -18.06
CA LEU A 357 -9.91 2.45 -17.91
C LEU A 357 -8.98 2.93 -16.80
N LEU A 358 -8.95 2.21 -15.68
CA LEU A 358 -8.05 2.56 -14.60
C LEU A 358 -6.60 2.44 -15.03
N ILE A 359 -6.28 1.41 -15.81
CA ILE A 359 -4.91 1.25 -16.31
C ILE A 359 -4.54 2.41 -17.23
N PHE A 360 -5.49 2.85 -18.07
CA PHE A 360 -5.23 3.99 -18.93
C PHE A 360 -4.97 5.26 -18.11
N PHE A 361 -5.77 5.48 -17.06
CA PHE A 361 -5.54 6.63 -16.20
C PHE A 361 -4.18 6.54 -15.52
N LEU A 362 -3.81 5.34 -15.07
CA LEU A 362 -2.50 5.15 -14.46
C LEU A 362 -1.38 5.44 -15.45
N PHE A 363 -1.56 5.05 -16.70
CA PHE A 363 -0.57 5.34 -17.72
C PHE A 363 -0.43 6.84 -17.94
N ILE A 364 -1.56 7.55 -17.98
CA ILE A 364 -1.52 9.00 -18.13
C ILE A 364 -0.74 9.62 -16.97
N GLY A 365 -1.08 9.21 -15.75
CA GLY A 365 -0.39 9.74 -14.58
C GLY A 365 1.09 9.39 -14.57
N VAL A 366 1.43 8.19 -15.02
CA VAL A 366 2.82 7.75 -15.00
C VAL A 366 3.64 8.56 -16.00
N VAL A 367 3.07 8.84 -17.18
CA VAL A 367 3.77 9.66 -18.15
C VAL A 367 3.95 11.08 -17.61
N LEU A 368 2.89 11.64 -17.04
CA LEU A 368 2.96 13.01 -16.54
C LEU A 368 4.03 13.12 -15.45
N PHE A 369 4.03 12.18 -14.51
CA PHE A 369 4.97 12.26 -13.40
C PHE A 369 6.39 11.95 -13.84
N SER A 370 6.58 11.02 -14.78
CA SER A 370 7.92 10.77 -15.30
C SER A 370 8.48 12.02 -15.96
N SER A 371 7.66 12.68 -16.78
CA SER A 371 8.12 13.92 -17.41
C SER A 371 8.46 14.98 -16.38
N ALA A 372 7.59 15.15 -15.38
CA ALA A 372 7.83 16.18 -14.37
C ALA A 372 9.10 15.89 -13.59
N VAL A 373 9.30 14.65 -13.18
CA VAL A 373 10.46 14.33 -12.35
C VAL A 373 11.75 14.43 -13.16
N TYR A 374 11.72 14.02 -14.44
CA TYR A 374 12.93 14.15 -15.25
C TYR A 374 13.27 15.62 -15.46
N PHE A 375 12.28 16.45 -15.74
CA PHE A 375 12.57 17.86 -16.00
C PHE A 375 13.00 18.59 -14.73
N ALA A 376 12.47 18.18 -13.57
CA ALA A 376 12.90 18.79 -12.32
C ALA A 376 14.27 18.28 -11.90
N GLU A 377 14.65 17.08 -12.32
CA GLU A 377 15.90 16.46 -11.91
C GLU A 377 17.01 16.62 -12.94
N ALA A 378 16.78 17.42 -13.99
CA ALA A 378 17.80 17.61 -15.02
C ALA A 378 19.01 18.35 -14.52
N GLY A 379 18.87 19.13 -13.46
CA GLY A 379 19.96 19.94 -12.94
C GLY A 379 20.90 19.25 -12.00
N SER A 380 20.73 17.95 -11.76
CA SER A 380 21.58 17.19 -10.86
C SER A 380 22.47 16.26 -11.68
N GLU A 381 23.78 16.31 -11.41
CA GLU A 381 24.72 15.47 -12.12
C GLU A 381 24.71 14.02 -11.64
N ASN A 382 24.22 13.77 -10.42
CA ASN A 382 24.19 12.43 -9.85
C ASN A 382 22.79 11.82 -9.89
N SER A 383 21.88 12.41 -10.65
CA SER A 383 20.51 11.90 -10.71
C SER A 383 20.47 10.54 -11.40
N PHE A 384 19.58 9.68 -10.92
CA PHE A 384 19.38 8.38 -11.57
C PHE A 384 18.57 8.50 -12.84
N PHE A 385 17.69 9.49 -12.93
CA PHE A 385 16.79 9.65 -14.08
C PHE A 385 17.57 10.21 -15.25
N LYS A 386 17.99 9.33 -16.17
CA LYS A 386 18.69 9.78 -17.36
C LYS A 386 17.75 10.23 -18.46
N SER A 387 16.53 9.69 -18.48
CA SER A 387 15.57 10.03 -19.53
C SER A 387 14.18 9.67 -19.04
N ILE A 388 13.17 10.09 -19.82
CA ILE A 388 11.79 9.76 -19.47
C ILE A 388 11.56 8.26 -19.40
N PRO A 389 12.04 7.44 -20.34
CA PRO A 389 11.88 5.98 -20.15
C PRO A 389 12.51 5.47 -18.88
N ASP A 390 13.64 6.04 -18.46
CA ASP A 390 14.23 5.66 -17.18
C ASP A 390 13.31 6.05 -16.03
N ALA A 391 12.71 7.24 -16.10
CA ALA A 391 11.81 7.68 -15.04
C ALA A 391 10.48 6.93 -15.04
N PHE A 392 10.17 6.23 -16.12
CA PHE A 392 8.93 5.45 -16.16
C PHE A 392 8.91 4.39 -15.08
N TRP A 393 10.04 3.71 -14.88
CA TRP A 393 10.12 2.69 -13.84
C TRP A 393 9.85 3.27 -12.47
N TRP A 394 10.48 4.41 -12.16
CA TRP A 394 10.25 5.03 -10.86
C TRP A 394 8.80 5.49 -10.72
N ALA A 395 8.24 6.08 -11.76
CA ALA A 395 6.90 6.61 -11.65
C ALA A 395 5.87 5.50 -11.45
N VAL A 396 6.05 4.38 -12.14
CA VAL A 396 5.11 3.27 -11.94
C VAL A 396 5.39 2.53 -10.64
N VAL A 397 6.61 2.62 -10.11
CA VAL A 397 6.90 2.05 -8.80
C VAL A 397 6.38 2.95 -7.68
N THR A 398 6.13 4.23 -7.98
CA THR A 398 5.59 5.16 -6.99
C THR A 398 4.06 5.20 -7.01
N MET A 399 3.46 5.27 -8.21
CA MET A 399 2.00 5.28 -8.29
C MET A 399 1.42 3.99 -7.71
N THR A 400 1.97 2.85 -8.09
CA THR A 400 1.81 1.66 -7.28
C THR A 400 2.57 1.86 -5.98
N THR A 401 2.01 1.40 -4.88
CA THR A 401 2.58 1.68 -3.57
C THR A 401 3.70 0.71 -3.18
N VAL A 402 4.36 0.08 -4.16
CA VAL A 402 5.48 -0.80 -3.85
C VAL A 402 6.66 0.00 -3.34
N GLY A 403 7.04 1.06 -4.06
CA GLY A 403 8.09 1.96 -3.63
C GLY A 403 9.45 1.33 -3.36
N TYR A 404 10.13 0.87 -4.40
CA TYR A 404 11.50 0.41 -4.25
C TYR A 404 12.41 1.58 -3.95
N GLY A 405 13.49 1.30 -3.22
CA GLY A 405 14.49 2.30 -2.94
C GLY A 405 15.58 2.43 -3.98
N ASP A 406 15.48 1.70 -5.09
CA ASP A 406 16.53 1.71 -6.09
C ASP A 406 16.58 2.99 -6.90
N MET A 407 15.47 3.74 -6.95
CA MET A 407 15.41 4.99 -7.72
C MET A 407 14.60 6.00 -6.93
N THR A 408 15.27 7.03 -6.41
CA THR A 408 14.62 8.10 -5.69
C THR A 408 15.21 9.43 -6.12
N PRO A 409 14.42 10.49 -6.19
CA PRO A 409 14.96 11.81 -6.48
C PRO A 409 15.81 12.32 -5.32
N VAL A 410 16.74 13.21 -5.64
CA VAL A 410 17.64 13.76 -4.62
C VAL A 410 17.47 15.27 -4.54
N GLY A 411 17.02 15.88 -5.62
CA GLY A 411 16.80 17.31 -5.63
C GLY A 411 15.56 17.71 -4.87
N VAL A 412 15.45 19.00 -4.56
CA VAL A 412 14.27 19.50 -3.86
C VAL A 412 13.05 19.43 -4.77
N TRP A 413 13.19 19.89 -6.00
CA TRP A 413 12.08 19.84 -6.94
C TRP A 413 11.72 18.39 -7.28
N GLY A 414 12.73 17.53 -7.42
CA GLY A 414 12.46 16.11 -7.59
C GLY A 414 11.71 15.53 -6.41
N LYS A 415 12.05 15.97 -5.19
CA LYS A 415 11.34 15.49 -4.01
C LYS A 415 9.89 15.96 -4.00
N ILE A 416 9.65 17.20 -4.43
CA ILE A 416 8.27 17.70 -4.50
C ILE A 416 7.47 16.88 -5.51
N VAL A 417 8.06 16.64 -6.69
CA VAL A 417 7.37 15.86 -7.71
C VAL A 417 7.11 14.44 -7.21
N GLY A 418 8.07 13.87 -6.50
CA GLY A 418 7.88 12.54 -5.95
C GLY A 418 6.79 12.50 -4.90
N SER A 419 6.69 13.55 -4.07
CA SER A 419 5.60 13.63 -3.10
C SER A 419 4.26 13.69 -3.79
N LEU A 420 4.15 14.50 -4.84
CA LEU A 420 2.90 14.56 -5.60
C LEU A 420 2.57 13.21 -6.22
N CYS A 421 3.60 12.53 -6.75
CA CYS A 421 3.38 11.21 -7.34
C CYS A 421 2.93 10.20 -6.29
N ALA A 422 3.48 10.28 -5.07
CA ALA A 422 3.05 9.39 -4.01
C ALA A 422 1.60 9.65 -3.61
N ILE A 423 1.20 10.92 -3.55
CA ILE A 423 -0.19 11.24 -3.25
C ILE A 423 -1.11 10.68 -4.33
N ALA A 424 -0.74 10.91 -5.60
CA ALA A 424 -1.53 10.37 -6.69
C ALA A 424 -1.54 8.84 -6.67
N GLY A 425 -0.47 8.22 -6.15
CA GLY A 425 -0.47 6.78 -6.03
C GLY A 425 -1.43 6.28 -4.98
N VAL A 426 -1.49 6.97 -3.84
CA VAL A 426 -2.51 6.66 -2.85
C VAL A 426 -3.89 6.75 -3.49
N LEU A 427 -4.12 7.81 -4.26
CA LEU A 427 -5.40 7.96 -4.94
C LEU A 427 -5.65 6.81 -5.92
N THR A 428 -4.63 6.41 -6.67
CA THR A 428 -4.83 5.44 -7.75
C THR A 428 -4.93 4.00 -7.26
N ILE A 429 -4.46 3.71 -6.04
CA ILE A 429 -4.69 2.38 -5.49
C ILE A 429 -5.89 2.37 -4.55
N ALA A 430 -6.37 3.53 -4.11
CA ALA A 430 -7.66 3.59 -3.43
C ALA A 430 -8.82 3.73 -4.40
N LEU A 431 -8.55 3.89 -5.69
CA LEU A 431 -9.56 4.15 -6.71
C LEU A 431 -10.29 2.90 -7.18
N PRO A 432 -9.60 1.77 -7.48
CA PRO A 432 -10.32 0.63 -8.07
C PRO A 432 -11.13 -0.18 -7.06
N VAL A 433 -11.24 0.30 -5.82
CA VAL A 433 -12.03 -0.42 -4.82
C VAL A 433 -13.51 -0.50 -5.21
N PRO A 434 -14.19 0.59 -5.57
CA PRO A 434 -15.59 0.47 -5.99
C PRO A 434 -15.77 -0.33 -7.27
N VAL A 435 -14.72 -0.47 -8.09
CA VAL A 435 -14.85 -1.30 -9.28
C VAL A 435 -14.94 -2.77 -8.91
N ILE A 436 -14.12 -3.21 -7.95
CA ILE A 436 -14.22 -4.59 -7.48
C ILE A 436 -15.55 -4.82 -6.80
N VAL A 437 -16.00 -3.87 -5.97
CA VAL A 437 -17.36 -3.90 -5.49
C VAL A 437 -18.32 -3.71 -6.66
N SER A 438 -19.58 -4.09 -6.45
CA SER A 438 -20.62 -4.19 -7.46
C SER A 438 -20.36 -5.31 -8.45
N ASN A 439 -19.23 -5.99 -8.34
CA ASN A 439 -18.99 -7.29 -8.98
C ASN A 439 -18.86 -8.39 -7.94
N PHE A 440 -17.95 -8.23 -6.99
CA PHE A 440 -18.05 -8.95 -5.74
C PHE A 440 -19.26 -8.44 -4.97
N ASN A 441 -19.82 -9.31 -4.12
CA ASN A 441 -21.03 -9.04 -3.35
C ASN A 441 -22.24 -8.98 -4.30
N TYR A 442 -21.98 -9.06 -5.61
CA TYR A 442 -23.01 -9.15 -6.62
C TYR A 442 -23.13 -10.54 -7.21
N PHE A 443 -21.99 -11.20 -7.50
CA PHE A 443 -22.01 -12.58 -7.92
C PHE A 443 -22.30 -13.55 -6.78
N TYR A 444 -22.00 -13.15 -5.55
CA TYR A 444 -22.23 -14.00 -4.38
C TYR A 444 -23.63 -13.82 -3.80
N HIS A 445 -24.42 -12.88 -4.33
CA HIS A 445 -25.76 -12.61 -3.82
C HIS A 445 -26.85 -12.77 -4.87
N ARG A 446 -26.50 -13.01 -6.13
CA ARG A 446 -27.49 -13.17 -7.18
C ARG A 446 -27.08 -14.27 -8.15
N GLN B 169 -18.42 -26.28 42.69
CA GLN B 169 -17.99 -26.41 41.30
C GLN B 169 -18.54 -25.26 40.45
N ARG B 170 -19.85 -25.06 40.51
CA ARG B 170 -20.47 -23.97 39.74
C ARG B 170 -19.97 -22.62 40.24
N LYS B 171 -19.77 -22.47 41.55
CA LYS B 171 -19.32 -21.20 42.10
C LYS B 171 -17.94 -20.82 41.56
N VAL B 172 -16.98 -21.74 41.65
CA VAL B 172 -15.66 -21.44 41.13
C VAL B 172 -15.69 -21.32 39.61
N TRP B 173 -16.56 -22.06 38.94
CA TRP B 173 -16.67 -21.95 37.49
C TRP B 173 -17.11 -20.55 37.08
N LEU B 174 -18.12 -20.00 37.75
CA LEU B 174 -18.55 -18.65 37.43
C LEU B 174 -17.55 -17.61 37.92
N LEU B 175 -16.77 -17.94 38.95
CA LEU B 175 -15.73 -17.03 39.40
C LEU B 175 -14.61 -16.91 38.38
N PHE B 176 -14.24 -18.02 37.75
CA PHE B 176 -13.10 -18.05 36.85
C PHE B 176 -13.46 -17.85 35.38
N GLU B 177 -14.72 -18.05 35.00
CA GLU B 177 -15.13 -17.96 33.60
C GLU B 177 -15.95 -16.73 33.27
N TYR B 178 -16.68 -16.17 34.23
CA TYR B 178 -17.54 -15.01 34.00
C TYR B 178 -17.01 -13.84 34.81
N PRO B 179 -16.17 -12.99 34.23
CA PRO B 179 -15.64 -11.83 34.97
C PRO B 179 -16.71 -10.86 35.43
N GLU B 180 -17.88 -10.85 34.79
CA GLU B 180 -18.95 -9.95 35.17
C GLU B 180 -19.77 -10.48 36.34
N SER B 181 -19.50 -11.71 36.79
CA SER B 181 -20.30 -12.29 37.86
C SER B 181 -20.18 -11.49 39.15
N SER B 182 -18.96 -11.10 39.51
CA SER B 182 -18.73 -10.36 40.75
C SER B 182 -17.43 -9.58 40.61
N GLN B 183 -17.17 -8.75 41.63
CA GLN B 183 -15.92 -7.98 41.63
C GLN B 183 -14.70 -8.89 41.74
N ALA B 184 -14.82 -10.00 42.48
CA ALA B 184 -13.71 -10.94 42.57
C ALA B 184 -13.40 -11.55 41.21
N ALA B 185 -14.43 -11.87 40.43
CA ALA B 185 -14.20 -12.41 39.09
C ALA B 185 -13.52 -11.40 38.19
N ARG B 186 -13.92 -10.12 38.29
CA ARG B 186 -13.24 -9.08 37.53
C ARG B 186 -11.79 -8.94 37.95
N VAL B 187 -11.51 -9.05 39.25
CA VAL B 187 -10.13 -9.01 39.73
C VAL B 187 -9.33 -10.18 39.17
N VAL B 188 -9.94 -11.37 39.15
CA VAL B 188 -9.26 -12.54 38.61
C VAL B 188 -8.95 -12.34 37.12
N ALA B 189 -9.90 -11.82 36.36
CA ALA B 189 -9.66 -11.55 34.95
C ALA B 189 -8.56 -10.52 34.76
N ILE B 190 -8.56 -9.47 35.58
CA ILE B 190 -7.52 -8.44 35.47
C ILE B 190 -6.15 -9.02 35.78
N ILE B 191 -6.05 -9.83 36.82
CA ILE B 191 -4.74 -10.41 37.16
C ILE B 191 -4.31 -11.40 36.08
N SER B 192 -5.25 -12.11 35.46
CA SER B 192 -4.89 -12.98 34.35
C SER B 192 -4.34 -12.19 33.17
N VAL B 193 -4.98 -11.06 32.84
CA VAL B 193 -4.49 -10.20 31.78
C VAL B 193 -3.09 -9.70 32.11
N PHE B 194 -2.89 -9.28 33.36
CA PHE B 194 -1.59 -8.79 33.78
C PHE B 194 -0.52 -9.87 33.67
N VAL B 195 -0.85 -11.10 34.06
CA VAL B 195 0.11 -12.19 33.96
C VAL B 195 0.43 -12.50 32.50
N ILE B 196 -0.58 -12.48 31.63
CA ILE B 196 -0.33 -12.72 30.21
C ILE B 196 0.61 -11.65 29.64
N LEU B 197 0.33 -10.38 29.97
CA LEU B 197 1.17 -9.31 29.47
C LEU B 197 2.59 -9.40 30.02
N LEU B 198 2.73 -9.75 31.31
CA LEU B 198 4.06 -9.90 31.89
C LEU B 198 4.82 -11.03 31.22
N SER B 199 4.15 -12.16 30.96
CA SER B 199 4.81 -13.27 30.29
C SER B 199 5.25 -12.88 28.88
N ILE B 200 4.40 -12.16 28.16
CA ILE B 200 4.77 -11.72 26.81
C ILE B 200 5.97 -10.79 26.87
N VAL B 201 5.97 -9.84 27.79
CA VAL B 201 7.08 -8.90 27.91
C VAL B 201 8.36 -9.63 28.26
N ILE B 202 8.29 -10.59 29.18
CA ILE B 202 9.47 -11.36 29.56
C ILE B 202 9.98 -12.17 28.37
N PHE B 203 9.07 -12.77 27.61
CA PHE B 203 9.48 -13.54 26.43
C PHE B 203 10.17 -12.65 25.41
N CYS B 204 9.64 -11.45 25.18
CA CYS B 204 10.28 -10.55 24.22
C CYS B 204 11.63 -10.05 24.72
N LEU B 205 11.73 -9.74 26.01
CA LEU B 205 12.97 -9.18 26.56
C LEU B 205 14.06 -10.22 26.73
N GLU B 206 13.71 -11.51 26.76
CA GLU B 206 14.71 -12.54 27.02
C GLU B 206 15.74 -12.62 25.89
N THR B 207 15.36 -12.24 24.68
CA THR B 207 16.23 -12.36 23.53
C THR B 207 17.12 -11.14 23.30
N LEU B 208 17.04 -10.14 24.16
CA LEU B 208 17.87 -8.96 23.98
C LEU B 208 19.35 -9.33 24.13
N PRO B 209 20.24 -8.73 23.33
CA PRO B 209 21.66 -9.11 23.41
C PRO B 209 22.28 -8.85 24.77
N GLU B 210 21.88 -7.79 25.47
CA GLU B 210 22.48 -7.46 26.76
C GLU B 210 21.95 -8.33 27.90
N PHE B 211 20.93 -9.15 27.66
CA PHE B 211 20.39 -10.01 28.69
C PHE B 211 20.78 -11.47 28.54
N LYS B 212 20.91 -11.95 27.30
CA LYS B 212 21.27 -13.35 27.09
C LYS B 212 22.70 -13.60 27.51
N HIS B 213 22.97 -14.83 27.96
CA HIS B 213 24.28 -15.24 28.43
C HIS B 213 24.98 -16.07 27.37
N TYR B 214 26.31 -16.06 27.41
CA TYR B 214 27.11 -16.78 26.41
C TYR B 214 28.01 -17.80 27.08
N PRO B 232 19.68 -21.71 30.75
CA PRO B 232 19.06 -21.07 31.93
C PRO B 232 19.58 -21.64 33.24
N ASP B 233 19.21 -20.99 34.35
CA ASP B 233 19.66 -21.43 35.67
C ASP B 233 18.66 -20.98 36.72
N ILE B 234 18.89 -21.42 37.96
CA ILE B 234 17.91 -21.23 39.02
C ILE B 234 17.81 -19.77 39.42
N THR B 235 18.94 -19.07 39.47
CA THR B 235 18.97 -17.71 40.01
C THR B 235 18.60 -16.64 38.98
N ASP B 236 18.30 -17.02 37.74
CA ASP B 236 17.99 -16.05 36.71
C ASP B 236 16.65 -15.38 37.00
N PRO B 237 16.59 -14.05 37.13
CA PRO B 237 15.31 -13.40 37.40
C PRO B 237 14.27 -13.63 36.32
N PHE B 238 14.69 -13.67 35.06
CA PHE B 238 13.75 -13.96 33.98
C PHE B 238 13.18 -15.36 34.15
N PHE B 239 14.01 -16.31 34.58
CA PHE B 239 13.50 -17.65 34.87
C PHE B 239 12.48 -17.61 36.00
N LEU B 240 12.72 -16.80 37.03
CA LEU B 240 11.76 -16.69 38.13
C LEU B 240 10.43 -16.14 37.65
N ILE B 241 10.45 -15.10 36.82
CA ILE B 241 9.21 -14.56 36.30
C ILE B 241 8.49 -15.59 35.44
N GLU B 242 9.27 -16.36 34.66
CA GLU B 242 8.66 -17.40 33.84
C GLU B 242 8.00 -18.47 34.71
N THR B 243 8.67 -18.88 35.80
CA THR B 243 8.06 -19.87 36.69
C THR B 243 6.79 -19.33 37.32
N LEU B 244 6.79 -18.06 37.73
CA LEU B 244 5.58 -17.47 38.31
C LEU B 244 4.43 -17.46 37.30
N CYS B 245 4.71 -17.03 36.07
CA CYS B 245 3.67 -16.98 35.05
C CYS B 245 3.15 -18.37 34.73
N ILE B 246 4.03 -19.35 34.62
CA ILE B 246 3.60 -20.71 34.30
C ILE B 246 2.82 -21.32 35.44
N ILE B 247 3.22 -21.02 36.68
CA ILE B 247 2.47 -21.51 37.84
C ILE B 247 1.06 -20.96 37.84
N TRP B 248 0.93 -19.65 37.59
CA TRP B 248 -0.41 -19.07 37.53
C TRP B 248 -1.23 -19.67 36.39
N PHE B 249 -0.60 -19.86 35.22
CA PHE B 249 -1.30 -20.43 34.08
C PHE B 249 -1.81 -21.82 34.38
N THR B 250 -0.96 -22.67 34.98
CA THR B 250 -1.36 -24.04 35.25
C THR B 250 -2.41 -24.10 36.35
N PHE B 251 -2.33 -23.20 37.34
CA PHE B 251 -3.36 -23.17 38.37
C PHE B 251 -4.71 -22.78 37.78
N GLU B 252 -4.71 -21.75 36.94
CA GLU B 252 -5.95 -21.32 36.29
C GLU B 252 -6.52 -22.42 35.41
N LEU B 253 -5.66 -23.09 34.63
CA LEU B 253 -6.13 -24.13 33.74
C LEU B 253 -6.70 -25.31 34.53
N THR B 254 -6.03 -25.71 35.61
CA THR B 254 -6.53 -26.80 36.42
C THR B 254 -7.87 -26.45 37.05
N VAL B 255 -8.00 -25.21 37.56
CA VAL B 255 -9.26 -24.80 38.17
C VAL B 255 -10.39 -24.81 37.14
N ARG B 256 -10.11 -24.28 35.94
CA ARG B 256 -11.14 -24.24 34.90
C ARG B 256 -11.52 -25.64 34.44
N PHE B 257 -10.53 -26.54 34.31
CA PHE B 257 -10.83 -27.91 33.91
C PHE B 257 -11.67 -28.62 34.96
N LEU B 258 -11.34 -28.44 36.24
CA LEU B 258 -12.11 -29.09 37.30
C LEU B 258 -13.52 -28.52 37.41
N ALA B 259 -13.67 -27.22 37.17
CA ALA B 259 -14.97 -26.57 37.28
C ALA B 259 -15.76 -26.58 36.00
N CYS B 260 -15.24 -27.18 34.93
CA CYS B 260 -15.96 -27.20 33.66
C CYS B 260 -17.20 -28.08 33.78
N PRO B 261 -18.31 -27.70 33.15
CA PRO B 261 -19.51 -28.55 33.21
C PRO B 261 -19.32 -29.91 32.56
N ASN B 262 -18.52 -30.01 31.50
CA ASN B 262 -18.30 -31.27 30.82
C ASN B 262 -16.91 -31.26 30.19
N LYS B 263 -16.22 -32.40 30.29
CA LYS B 263 -14.82 -32.46 29.89
C LYS B 263 -14.65 -32.29 28.39
N LEU B 264 -15.55 -32.88 27.59
CA LEU B 264 -15.41 -32.84 26.14
C LEU B 264 -15.48 -31.41 25.61
N ASN B 265 -16.41 -30.61 26.13
CA ASN B 265 -16.52 -29.22 25.69
C ASN B 265 -15.27 -28.43 26.07
N PHE B 266 -14.75 -28.66 27.28
CA PHE B 266 -13.54 -27.97 27.72
C PHE B 266 -12.35 -28.33 26.84
N CYS B 267 -12.20 -29.61 26.51
CA CYS B 267 -11.06 -30.04 25.70
C CYS B 267 -11.24 -29.66 24.23
N ARG B 268 -12.47 -29.42 23.78
CA ARG B 268 -12.72 -29.07 22.39
C ARG B 268 -12.66 -27.57 22.13
N ASP B 269 -12.79 -26.75 23.17
CA ASP B 269 -12.81 -25.30 22.97
C ASP B 269 -11.42 -24.78 22.62
N VAL B 270 -11.36 -23.88 21.64
CA VAL B 270 -10.08 -23.37 21.14
C VAL B 270 -9.37 -22.55 22.22
N MET B 271 -10.13 -21.78 22.99
CA MET B 271 -9.53 -20.92 24.02
C MET B 271 -8.85 -21.73 25.13
N ASN B 272 -9.14 -23.02 25.23
CA ASN B 272 -8.45 -23.90 26.17
C ASN B 272 -7.29 -24.65 25.52
N VAL B 273 -7.41 -25.03 24.25
CA VAL B 273 -6.29 -25.68 23.59
C VAL B 273 -5.14 -24.70 23.42
N ILE B 274 -5.44 -23.42 23.16
CA ILE B 274 -4.35 -22.45 23.06
C ILE B 274 -3.65 -22.30 24.40
N ASP B 275 -4.41 -22.39 25.50
CA ASP B 275 -3.79 -22.34 26.82
C ASP B 275 -2.92 -23.56 27.08
N ILE B 276 -3.41 -24.75 26.72
CA ILE B 276 -2.64 -25.96 26.98
C ILE B 276 -1.39 -26.00 26.11
N ILE B 277 -1.42 -25.38 24.93
CA ILE B 277 -0.21 -25.27 24.12
C ILE B 277 0.76 -24.27 24.73
N ALA B 278 0.24 -23.24 25.42
CA ALA B 278 1.08 -22.18 25.95
C ALA B 278 1.88 -22.60 27.18
N ILE B 279 1.61 -23.77 27.75
CA ILE B 279 2.28 -24.20 28.97
C ILE B 279 3.31 -25.31 28.71
N ILE B 280 3.07 -26.18 27.72
CA ILE B 280 3.98 -27.31 27.49
C ILE B 280 5.43 -26.90 27.27
N PRO B 281 5.76 -25.82 26.53
CA PRO B 281 7.18 -25.53 26.29
C PRO B 281 7.99 -25.36 27.56
N TYR B 282 7.41 -24.82 28.64
CA TYR B 282 8.13 -24.77 29.90
C TYR B 282 8.48 -26.17 30.40
N PHE B 283 7.52 -27.09 30.36
CA PHE B 283 7.76 -28.41 30.95
C PHE B 283 8.85 -29.17 30.22
N ILE B 284 8.91 -29.02 28.90
CA ILE B 284 10.00 -29.63 28.14
C ILE B 284 11.34 -29.04 28.57
N THR B 285 11.39 -27.72 28.75
CA THR B 285 12.62 -27.08 29.22
C THR B 285 13.00 -27.55 30.62
N LEU B 286 12.01 -27.69 31.50
CA LEU B 286 12.29 -28.08 32.87
C LEU B 286 12.87 -29.49 32.95
N ALA B 287 12.44 -30.39 32.06
CA ALA B 287 12.92 -31.77 32.11
C ALA B 287 14.43 -31.84 31.89
N THR B 288 14.95 -31.04 30.95
CA THR B 288 16.38 -31.05 30.69
C THR B 288 17.19 -30.48 31.85
N VAL B 289 16.62 -29.56 32.62
CA VAL B 289 17.34 -28.99 33.76
C VAL B 289 17.50 -30.02 34.87
N VAL B 290 16.44 -30.76 35.17
CA VAL B 290 16.48 -31.74 36.24
C VAL B 290 17.30 -32.95 35.84
N SER B 316 19.87 -31.75 17.93
CA SER B 316 18.93 -31.50 19.01
C SER B 316 18.50 -30.04 19.03
N LEU B 317 19.37 -29.16 18.53
CA LEU B 317 19.04 -27.74 18.48
C LEU B 317 17.91 -27.45 17.51
N ALA B 318 17.69 -28.30 16.51
CA ALA B 318 16.59 -28.08 15.57
C ALA B 318 15.25 -28.13 16.28
N ILE B 319 15.06 -29.10 17.18
CA ILE B 319 13.83 -29.14 17.95
C ILE B 319 13.76 -27.98 18.93
N LEU B 320 14.91 -27.50 19.39
CA LEU B 320 14.93 -26.35 20.28
C LEU B 320 14.52 -25.07 19.57
N ARG B 321 14.66 -25.02 18.24
CA ARG B 321 14.22 -23.85 17.50
C ARG B 321 12.71 -23.66 17.60
N VAL B 322 11.96 -24.76 17.53
CA VAL B 322 10.50 -24.65 17.44
C VAL B 322 9.85 -24.59 18.82
N ILE B 323 10.31 -25.39 19.78
CA ILE B 323 9.62 -25.45 21.07
C ILE B 323 9.68 -24.10 21.77
N ARG B 324 10.84 -23.44 21.75
CA ARG B 324 10.92 -22.10 22.32
C ARG B 324 10.03 -21.13 21.57
N LEU B 325 9.78 -21.39 20.29
CA LEU B 325 8.96 -20.49 19.49
C LEU B 325 7.50 -20.54 19.94
N VAL B 326 7.01 -21.73 20.33
CA VAL B 326 5.58 -21.92 20.58
C VAL B 326 5.03 -20.98 21.64
N ARG B 327 5.89 -20.41 22.47
CA ARG B 327 5.42 -19.51 23.53
C ARG B 327 4.82 -18.22 22.99
N VAL B 328 4.99 -17.92 21.70
CA VAL B 328 4.42 -16.69 21.15
C VAL B 328 2.90 -16.72 21.28
N PHE B 329 2.30 -17.91 21.26
CA PHE B 329 0.85 -18.06 21.34
C PHE B 329 0.28 -17.61 22.68
N ARG B 330 1.11 -17.09 23.58
CA ARG B 330 0.61 -16.62 24.87
C ARG B 330 -0.36 -15.45 24.70
N ILE B 331 -0.23 -14.68 23.61
CA ILE B 331 -1.11 -13.54 23.41
C ILE B 331 -2.55 -13.97 23.13
N PHE B 332 -2.76 -15.24 22.80
CA PHE B 332 -4.04 -15.63 22.22
C PHE B 332 -5.16 -15.80 23.24
N LYS B 333 -4.86 -15.90 24.54
CA LYS B 333 -5.98 -15.87 25.47
C LYS B 333 -6.47 -14.47 25.78
N LEU B 334 -5.80 -13.44 25.27
CA LEU B 334 -6.34 -12.09 25.40
C LEU B 334 -7.69 -11.94 24.72
N SER B 335 -7.98 -12.79 23.73
CA SER B 335 -9.29 -12.75 23.08
C SER B 335 -10.40 -13.10 24.06
N ARG B 336 -10.11 -13.90 25.08
CA ARG B 336 -11.12 -14.25 26.06
C ARG B 336 -11.61 -13.02 26.81
N HIS B 337 -10.69 -12.15 27.20
CA HIS B 337 -11.00 -10.98 27.99
C HIS B 337 -11.27 -9.73 27.15
N SER B 338 -11.14 -9.83 25.83
CA SER B 338 -11.40 -8.71 24.93
C SER B 338 -12.70 -8.99 24.18
N LYS B 339 -13.75 -8.22 24.48
CA LYS B 339 -15.03 -8.41 23.82
C LYS B 339 -14.92 -8.12 22.32
N GLY B 340 -14.22 -7.04 21.96
CA GLY B 340 -14.08 -6.70 20.55
C GLY B 340 -13.27 -7.70 19.77
N LEU B 341 -12.24 -8.27 20.39
CA LEU B 341 -11.39 -9.22 19.68
C LEU B 341 -12.14 -10.48 19.30
N GLN B 342 -13.09 -10.93 20.14
CA GLN B 342 -13.91 -12.08 19.77
C GLN B 342 -14.73 -11.78 18.53
N ARG B 343 -15.33 -10.59 18.46
CA ARG B 343 -16.10 -10.21 17.28
C ARG B 343 -15.21 -10.13 16.05
N LEU B 344 -14.00 -9.57 16.20
CA LEU B 344 -13.08 -9.49 15.08
C LEU B 344 -12.67 -10.88 14.60
N GLY B 345 -12.42 -11.79 15.53
CA GLY B 345 -12.08 -13.15 15.15
C GLY B 345 -13.22 -13.86 14.45
N ARG B 346 -14.45 -13.63 14.93
CA ARG B 346 -15.61 -14.20 14.25
C ARG B 346 -15.74 -13.65 12.84
N THR B 347 -15.54 -12.34 12.67
CA THR B 347 -15.60 -11.75 11.33
C THR B 347 -14.54 -12.33 10.41
N LEU B 348 -13.32 -12.49 10.92
CA LEU B 348 -12.26 -13.09 10.10
C LEU B 348 -12.58 -14.54 9.74
N LYS B 349 -13.09 -15.31 10.71
CA LYS B 349 -13.37 -16.72 10.46
C LYS B 349 -14.51 -16.88 9.46
N ALA B 350 -15.52 -16.02 9.53
CA ALA B 350 -16.64 -16.12 8.61
C ALA B 350 -16.23 -15.87 7.17
N SER B 351 -15.12 -15.18 6.94
CA SER B 351 -14.62 -14.91 5.59
C SER B 351 -13.35 -15.69 5.28
N MET B 352 -13.08 -16.78 6.00
CA MET B 352 -11.84 -17.51 5.77
C MET B 352 -11.83 -18.22 4.42
N ARG B 353 -12.99 -18.65 3.92
CA ARG B 353 -13.01 -19.36 2.64
C ARG B 353 -12.62 -18.44 1.49
N GLU B 354 -13.25 -17.27 1.41
CA GLU B 354 -12.91 -16.32 0.36
C GLU B 354 -11.50 -15.79 0.50
N LEU B 355 -11.03 -15.59 1.73
CA LEU B 355 -9.64 -15.18 1.92
C LEU B 355 -8.67 -16.26 1.46
N GLY B 356 -8.98 -17.53 1.72
CA GLY B 356 -8.15 -18.61 1.19
C GLY B 356 -8.15 -18.64 -0.32
N LEU B 357 -9.31 -18.40 -0.93
CA LEU B 357 -9.37 -18.32 -2.39
C LEU B 357 -8.51 -17.17 -2.90
N LEU B 358 -8.55 -16.03 -2.22
CA LEU B 358 -7.70 -14.90 -2.60
C LEU B 358 -6.22 -15.26 -2.46
N ILE B 359 -5.87 -15.99 -1.41
CA ILE B 359 -4.49 -16.44 -1.24
C ILE B 359 -4.08 -17.35 -2.39
N PHE B 360 -4.98 -18.23 -2.81
CA PHE B 360 -4.70 -19.10 -3.96
C PHE B 360 -4.47 -18.29 -5.22
N PHE B 361 -5.30 -17.27 -5.45
CA PHE B 361 -5.09 -16.40 -6.60
C PHE B 361 -3.76 -15.68 -6.51
N LEU B 362 -3.39 -15.21 -5.31
CA LEU B 362 -2.12 -14.54 -5.12
C LEU B 362 -0.96 -15.49 -5.41
N PHE B 363 -1.10 -16.76 -5.01
CA PHE B 363 -0.06 -17.75 -5.33
C PHE B 363 0.06 -17.96 -6.82
N ILE B 364 -1.08 -18.03 -7.52
CA ILE B 364 -1.04 -18.17 -8.98
C ILE B 364 -0.30 -16.99 -9.60
N GLY B 365 -0.66 -15.77 -9.18
CA GLY B 365 0.00 -14.59 -9.73
C GLY B 365 1.47 -14.52 -9.38
N VAL B 366 1.82 -14.96 -8.17
CA VAL B 366 3.20 -14.89 -7.73
C VAL B 366 4.06 -15.85 -8.55
N VAL B 367 3.55 -17.05 -8.82
CA VAL B 367 4.30 -17.98 -9.66
C VAL B 367 4.42 -17.43 -11.07
N LEU B 368 3.33 -16.88 -11.62
CA LEU B 368 3.36 -16.31 -12.95
C LEU B 368 4.43 -15.24 -13.07
N PHE B 369 4.40 -14.25 -12.16
CA PHE B 369 5.33 -13.13 -12.27
C PHE B 369 6.76 -13.54 -11.94
N SER B 370 6.94 -14.47 -11.00
CA SER B 370 8.29 -14.95 -10.71
C SER B 370 8.91 -15.61 -11.93
N SER B 371 8.15 -16.50 -12.58
CA SER B 371 8.67 -17.15 -13.78
C SER B 371 8.94 -16.13 -14.88
N ALA B 372 8.02 -15.18 -15.07
CA ALA B 372 8.21 -14.17 -16.11
C ALA B 372 9.46 -13.35 -15.87
N VAL B 373 9.65 -12.89 -14.62
CA VAL B 373 10.80 -12.03 -14.34
C VAL B 373 12.10 -12.81 -14.42
N TYR B 374 12.10 -14.08 -13.99
CA TYR B 374 13.33 -14.85 -14.10
C TYR B 374 13.70 -15.09 -15.56
N PHE B 375 12.71 -15.40 -16.40
CA PHE B 375 13.02 -15.66 -17.80
C PHE B 375 13.39 -14.38 -18.54
N ALA B 376 12.83 -13.24 -18.14
CA ALA B 376 13.21 -11.98 -18.76
C ALA B 376 14.55 -11.48 -18.23
N GLU B 377 15.00 -11.97 -17.09
CA GLU B 377 16.25 -11.52 -16.48
C GLU B 377 17.37 -12.55 -16.61
N ALA B 378 17.16 -13.61 -17.40
CA ALA B 378 18.19 -14.62 -17.55
C ALA B 378 19.42 -14.11 -18.28
N GLY B 379 19.29 -13.08 -19.10
CA GLY B 379 20.39 -12.56 -19.88
C GLY B 379 21.29 -11.59 -19.16
N SER B 380 21.06 -11.31 -17.88
CA SER B 380 21.87 -10.37 -17.13
C SER B 380 22.80 -11.14 -16.20
N GLU B 381 24.10 -10.82 -16.26
CA GLU B 381 25.09 -11.51 -15.45
C GLU B 381 25.04 -11.08 -13.99
N ASN B 382 24.59 -9.86 -13.72
CA ASN B 382 24.56 -9.32 -12.37
C ASN B 382 23.17 -9.37 -11.75
N SER B 383 22.24 -10.11 -12.36
CA SER B 383 20.88 -10.17 -11.86
C SER B 383 20.83 -10.88 -10.51
N PHE B 384 19.92 -10.43 -9.64
CA PHE B 384 19.72 -11.09 -8.36
C PHE B 384 18.92 -12.37 -8.50
N PHE B 385 18.07 -12.48 -9.52
CA PHE B 385 17.16 -13.62 -9.68
C PHE B 385 17.95 -14.79 -10.25
N LYS B 386 18.38 -15.70 -9.38
CA LYS B 386 19.05 -16.90 -9.83
C LYS B 386 18.07 -17.92 -10.39
N SER B 387 16.86 -17.98 -9.84
CA SER B 387 15.84 -18.93 -10.29
C SER B 387 14.48 -18.45 -9.81
N ILE B 388 13.42 -19.05 -10.37
CA ILE B 388 12.07 -18.75 -9.92
C ILE B 388 11.90 -18.96 -8.42
N PRO B 389 12.41 -20.03 -7.81
CA PRO B 389 12.33 -20.12 -6.34
C PRO B 389 13.00 -18.95 -5.65
N ASP B 390 14.07 -18.40 -6.22
CA ASP B 390 14.70 -17.23 -5.65
C ASP B 390 13.88 -15.97 -5.92
N ALA B 391 13.20 -15.90 -7.05
CA ALA B 391 12.40 -14.74 -7.41
C ALA B 391 11.03 -14.74 -6.74
N PHE B 392 10.66 -15.84 -6.06
CA PHE B 392 9.39 -15.86 -5.35
C PHE B 392 9.33 -14.77 -4.29
N TRP B 393 10.45 -14.53 -3.61
CA TRP B 393 10.49 -13.49 -2.59
C TRP B 393 10.16 -12.13 -3.19
N TRP B 394 10.80 -11.78 -4.31
CA TRP B 394 10.51 -10.51 -4.95
C TRP B 394 9.08 -10.44 -5.43
N ALA B 395 8.59 -11.52 -6.04
CA ALA B 395 7.24 -11.48 -6.59
C ALA B 395 6.19 -11.31 -5.50
N VAL B 396 6.37 -11.97 -4.34
CA VAL B 396 5.39 -11.82 -3.28
C VAL B 396 5.56 -10.50 -2.54
N VAL B 397 6.77 -9.94 -2.49
CA VAL B 397 6.96 -8.62 -1.90
C VAL B 397 6.55 -7.51 -2.85
N THR B 398 6.28 -7.82 -4.11
CA THR B 398 5.75 -6.83 -5.05
C THR B 398 4.23 -6.91 -5.14
N MET B 399 3.68 -8.12 -5.33
CA MET B 399 2.23 -8.27 -5.42
C MET B 399 1.56 -7.74 -4.16
N THR B 400 2.05 -8.15 -3.00
CA THR B 400 1.73 -7.43 -1.78
C THR B 400 2.64 -6.21 -1.73
N THR B 401 2.04 -5.03 -1.55
CA THR B 401 2.75 -3.77 -1.81
C THR B 401 3.64 -3.39 -0.62
N VAL B 402 4.72 -4.16 -0.47
CA VAL B 402 5.75 -3.84 0.52
C VAL B 402 6.92 -3.19 -0.21
N GLY B 403 7.51 -3.91 -1.15
CA GLY B 403 8.55 -3.37 -2.00
C GLY B 403 9.86 -3.07 -1.33
N TYR B 404 10.57 -4.10 -0.89
CA TYR B 404 11.92 -3.91 -0.39
C TYR B 404 12.86 -3.61 -1.55
N GLY B 405 13.90 -2.82 -1.27
CA GLY B 405 14.90 -2.54 -2.27
C GLY B 405 15.97 -3.59 -2.42
N ASP B 406 15.88 -4.69 -1.66
CA ASP B 406 16.91 -5.71 -1.70
C ASP B 406 16.89 -6.53 -2.99
N MET B 407 15.79 -6.49 -3.73
CA MET B 407 15.68 -7.29 -4.96
C MET B 407 14.84 -6.51 -5.95
N THR B 408 15.48 -5.97 -6.99
CA THR B 408 14.77 -5.27 -8.05
C THR B 408 15.36 -5.68 -9.39
N PRO B 409 14.55 -5.76 -10.43
CA PRO B 409 15.09 -6.03 -11.76
C PRO B 409 15.92 -4.86 -12.27
N VAL B 410 16.87 -5.16 -13.15
CA VAL B 410 17.76 -4.15 -13.69
C VAL B 410 17.61 -4.08 -15.20
N GLY B 411 17.19 -5.17 -15.82
CA GLY B 411 16.99 -5.19 -17.26
C GLY B 411 15.74 -4.46 -17.67
N VAL B 412 15.66 -4.15 -18.96
CA VAL B 412 14.46 -3.48 -19.49
C VAL B 412 13.27 -4.41 -19.42
N TRP B 413 13.43 -5.65 -19.89
CA TRP B 413 12.34 -6.62 -19.83
C TRP B 413 11.98 -6.96 -18.40
N GLY B 414 13.00 -7.08 -17.53
CA GLY B 414 12.73 -7.25 -16.12
C GLY B 414 11.95 -6.10 -15.54
N LYS B 415 12.25 -4.87 -15.97
CA LYS B 415 11.51 -3.72 -15.49
C LYS B 415 10.07 -3.75 -15.98
N ILE B 416 9.84 -4.19 -17.22
CA ILE B 416 8.47 -4.30 -17.72
C ILE B 416 7.69 -5.34 -16.92
N VAL B 417 8.31 -6.49 -16.66
CA VAL B 417 7.63 -7.52 -15.87
C VAL B 417 7.36 -7.03 -14.45
N GLY B 418 8.31 -6.28 -13.88
CA GLY B 418 8.08 -5.72 -12.56
C GLY B 418 6.97 -4.70 -12.54
N SER B 419 6.86 -3.91 -13.62
CA SER B 419 5.75 -2.96 -13.72
C SER B 419 4.42 -3.69 -13.78
N LEU B 420 4.35 -4.77 -14.56
CA LEU B 420 3.12 -5.56 -14.61
C LEU B 420 2.80 -6.16 -13.25
N CYS B 421 3.84 -6.64 -12.54
CA CYS B 421 3.63 -7.19 -11.22
C CYS B 421 3.14 -6.13 -10.24
N ALA B 422 3.66 -4.91 -10.36
CA ALA B 422 3.19 -3.82 -9.50
C ALA B 422 1.74 -3.48 -9.79
N ILE B 423 1.35 -3.50 -11.07
CA ILE B 423 -0.05 -3.25 -11.41
C ILE B 423 -0.94 -4.33 -10.82
N ALA B 424 -0.53 -5.59 -10.95
CA ALA B 424 -1.30 -6.67 -10.35
C ALA B 424 -1.33 -6.55 -8.83
N GLY B 425 -0.27 -6.01 -8.23
CA GLY B 425 -0.28 -5.77 -6.81
C GLY B 425 -1.27 -4.69 -6.40
N VAL B 426 -1.35 -3.63 -7.20
CA VAL B 426 -2.39 -2.63 -6.99
C VAL B 426 -3.76 -3.28 -7.06
N LEU B 427 -3.95 -4.19 -8.00
CA LEU B 427 -5.22 -4.90 -8.11
C LEU B 427 -5.49 -5.75 -6.87
N THR B 428 -4.48 -6.47 -6.38
CA THR B 428 -4.69 -7.44 -5.32
C THR B 428 -4.68 -6.83 -3.93
N ILE B 429 -4.21 -5.60 -3.76
CA ILE B 429 -4.28 -4.96 -2.45
C ILE B 429 -5.69 -4.45 -2.17
N ALA B 430 -6.51 -4.30 -3.21
CA ALA B 430 -7.89 -3.86 -3.06
C ALA B 430 -8.90 -4.98 -3.27
N LEU B 431 -8.47 -6.13 -3.80
CA LEU B 431 -9.41 -7.21 -4.07
C LEU B 431 -10.08 -7.75 -2.81
N PRO B 432 -9.40 -8.00 -1.69
CA PRO B 432 -10.09 -8.55 -0.51
C PRO B 432 -10.94 -7.56 0.24
N VAL B 433 -10.97 -6.28 -0.17
CA VAL B 433 -11.79 -5.30 0.55
C VAL B 433 -13.28 -5.66 0.54
N PRO B 434 -13.89 -5.97 -0.61
CA PRO B 434 -15.30 -6.41 -0.56
C PRO B 434 -15.50 -7.70 0.20
N VAL B 435 -14.47 -8.53 0.35
CA VAL B 435 -14.60 -9.73 1.17
C VAL B 435 -14.72 -9.37 2.64
N ILE B 436 -13.93 -8.40 3.09
CA ILE B 436 -14.03 -7.95 4.47
C ILE B 436 -15.39 -7.32 4.72
N VAL B 437 -15.87 -6.48 3.80
CA VAL B 437 -17.25 -6.04 3.84
C VAL B 437 -18.17 -7.24 3.61
N SER B 438 -19.42 -7.09 4.01
CA SER B 438 -20.44 -8.15 4.07
C SER B 438 -20.13 -9.15 5.17
N ASN B 439 -18.99 -9.03 5.83
CA ASN B 439 -18.71 -9.69 7.11
C ASN B 439 -18.61 -8.67 8.22
N PHE B 440 -17.75 -7.69 8.08
CA PHE B 440 -17.90 -6.45 8.81
C PHE B 440 -19.14 -5.72 8.31
N ASN B 441 -19.71 -4.87 9.18
CA ASN B 441 -20.96 -4.16 8.91
C ASN B 441 -22.13 -5.14 8.92
N TYR B 442 -21.82 -6.44 9.04
CA TYR B 442 -22.81 -7.49 9.20
C TYR B 442 -22.79 -8.10 10.58
N PHE B 443 -21.62 -8.22 11.20
CA PHE B 443 -21.51 -8.72 12.57
C PHE B 443 -21.71 -7.64 13.61
N TYR B 444 -21.90 -6.38 13.21
CA TYR B 444 -22.07 -5.30 14.16
C TYR B 444 -23.52 -4.84 14.29
N HIS B 445 -24.37 -5.15 13.31
CA HIS B 445 -25.78 -4.77 13.37
C HIS B 445 -26.73 -5.92 13.66
N ARG B 446 -26.30 -7.16 13.44
CA ARG B 446 -27.15 -8.32 13.73
C ARG B 446 -26.31 -9.46 14.29
N GLN C 169 -19.29 42.53 25.95
CA GLN C 169 -18.90 41.15 26.23
C GLN C 169 -19.45 40.21 25.17
N ARG C 170 -20.78 40.14 25.07
CA ARG C 170 -21.40 39.28 24.07
C ARG C 170 -21.08 39.75 22.67
N LYS C 171 -20.99 41.06 22.46
CA LYS C 171 -20.67 41.60 21.14
C LYS C 171 -19.28 41.16 20.69
N VAL C 172 -18.28 41.32 21.56
CA VAL C 172 -16.93 40.92 21.19
C VAL C 172 -16.83 39.40 21.10
N TRP C 173 -17.62 38.68 21.89
CA TRP C 173 -17.65 37.22 21.77
C TRP C 173 -18.13 36.79 20.39
N LEU C 174 -19.22 37.40 19.93
CA LEU C 174 -19.71 37.12 18.59
C LEU C 174 -18.70 37.53 17.53
N LEU C 175 -18.03 38.66 17.75
CA LEU C 175 -17.02 39.12 16.79
C LEU C 175 -15.86 38.12 16.69
N PHE C 176 -15.46 37.54 17.81
CA PHE C 176 -14.26 36.72 17.83
C PHE C 176 -14.54 35.26 17.45
N GLU C 177 -15.44 34.59 18.17
CA GLU C 177 -15.62 33.16 17.96
C GLU C 177 -16.63 32.83 16.87
N TYR C 178 -17.36 33.81 16.34
CA TYR C 178 -18.25 33.57 15.23
C TYR C 178 -17.74 34.33 14.01
N PRO C 179 -16.97 33.70 13.12
CA PRO C 179 -16.46 34.42 11.94
C PRO C 179 -17.55 34.91 11.01
N GLU C 180 -18.75 34.35 11.08
CA GLU C 180 -19.85 34.76 10.21
C GLU C 180 -20.66 35.90 10.80
N SER C 181 -20.27 36.41 11.97
CA SER C 181 -21.04 37.50 12.60
C SER C 181 -21.04 38.75 11.74
N SER C 182 -19.89 39.11 11.19
CA SER C 182 -19.78 40.30 10.36
C SER C 182 -18.51 40.19 9.52
N GLN C 183 -18.27 41.20 8.69
CA GLN C 183 -17.04 41.23 7.90
C GLN C 183 -15.81 41.35 8.79
N ALA C 184 -15.93 42.10 9.89
CA ALA C 184 -14.82 42.21 10.83
C ALA C 184 -14.49 40.85 11.45
N ALA C 185 -15.53 40.06 11.73
CA ALA C 185 -15.30 38.71 12.26
C ALA C 185 -14.55 37.84 11.25
N ARG C 186 -14.93 37.93 9.98
CA ARG C 186 -14.21 37.19 8.94
C ARG C 186 -12.77 37.65 8.84
N VAL C 187 -12.53 38.96 8.96
CA VAL C 187 -11.18 39.49 8.94
C VAL C 187 -10.37 38.94 10.11
N VAL C 188 -10.99 38.88 11.29
CA VAL C 188 -10.29 38.35 12.47
C VAL C 188 -9.95 36.88 12.27
N ALA C 189 -10.89 36.11 11.73
CA ALA C 189 -10.62 34.70 11.48
C ALA C 189 -9.50 34.52 10.46
N ILE C 190 -9.51 35.33 9.41
CA ILE C 190 -8.47 35.25 8.39
C ILE C 190 -7.10 35.59 8.98
N ILE C 191 -7.04 36.64 9.79
CA ILE C 191 -5.76 37.02 10.38
C ILE C 191 -5.29 35.96 11.38
N SER C 192 -6.22 35.30 12.08
CA SER C 192 -5.84 34.21 12.96
C SER C 192 -5.26 33.04 12.17
N VAL C 193 -5.88 32.70 11.04
CA VAL C 193 -5.34 31.63 10.19
C VAL C 193 -3.96 32.01 9.69
N PHE C 194 -3.79 33.27 9.27
CA PHE C 194 -2.50 33.71 8.78
C PHE C 194 -1.43 33.64 9.87
N VAL C 195 -1.78 34.03 11.09
CA VAL C 195 -0.81 33.96 12.19
C VAL C 195 -0.46 32.51 12.50
N ILE C 196 -1.44 31.61 12.47
CA ILE C 196 -1.16 30.20 12.73
C ILE C 196 -0.21 29.65 11.68
N LEU C 197 -0.48 29.96 10.41
CA LEU C 197 0.38 29.47 9.33
C LEU C 197 1.78 30.06 9.43
N LEU C 198 1.88 31.35 9.79
CA LEU C 198 3.18 31.97 9.94
C LEU C 198 3.96 31.33 11.08
N SER C 199 3.30 31.04 12.20
CA SER C 199 3.97 30.37 13.31
C SER C 199 4.44 28.98 12.91
N ILE C 200 3.61 28.25 12.16
CA ILE C 200 4.01 26.91 11.72
C ILE C 200 5.23 27.00 10.82
N VAL C 201 5.22 27.95 9.87
CA VAL C 201 6.34 28.09 8.94
C VAL C 201 7.61 28.46 9.69
N ILE C 202 7.50 29.39 10.65
CA ILE C 202 8.66 29.80 11.43
C ILE C 202 9.20 28.63 12.23
N PHE C 203 8.31 27.83 12.83
CA PHE C 203 8.74 26.67 13.59
C PHE C 203 9.48 25.67 12.70
N CYS C 204 8.96 25.42 11.49
CA CYS C 204 9.61 24.49 10.59
C CYS C 204 10.96 25.03 10.10
N LEU C 205 11.02 26.31 9.78
CA LEU C 205 12.24 26.89 9.23
C LEU C 205 13.33 27.10 10.27
N GLU C 206 12.97 27.12 11.56
CA GLU C 206 13.97 27.39 12.59
C GLU C 206 15.02 26.30 12.68
N THR C 207 14.66 25.08 12.31
CA THR C 207 15.56 23.93 12.43
C THR C 207 16.46 23.75 11.23
N LEU C 208 16.33 24.59 10.21
CA LEU C 208 17.19 24.45 9.03
C LEU C 208 18.64 24.72 9.42
N PRO C 209 19.60 23.97 8.84
CA PRO C 209 21.01 24.20 9.19
C PRO C 209 21.49 25.59 8.86
N GLU C 210 20.98 26.21 7.79
CA GLU C 210 21.44 27.53 7.40
C GLU C 210 21.04 28.61 8.39
N PHE C 211 20.06 28.34 9.26
CA PHE C 211 19.58 29.33 10.20
C PHE C 211 19.97 29.06 11.64
N LYS C 212 20.19 27.81 12.01
CA LYS C 212 20.55 27.50 13.39
C LYS C 212 21.95 28.00 13.72
N HIS C 213 22.16 28.32 14.99
CA HIS C 213 23.42 28.85 15.47
C HIS C 213 24.19 27.78 16.24
N TYR C 214 25.50 27.99 16.33
CA TYR C 214 26.37 27.04 17.01
C TYR C 214 27.28 27.74 18.00
N PRO C 232 18.76 31.38 21.79
CA PRO C 232 18.16 32.52 21.11
C PRO C 232 18.63 33.87 21.67
N ASP C 233 18.23 34.96 21.03
CA ASP C 233 18.64 36.28 21.46
C ASP C 233 17.62 37.31 20.99
N ILE C 234 17.81 38.55 21.43
CA ILE C 234 16.81 39.59 21.22
C ILE C 234 16.71 39.99 19.76
N THR C 235 17.85 40.06 19.06
CA THR C 235 17.89 40.57 17.69
C THR C 235 17.53 39.52 16.65
N ASP C 236 17.26 38.29 17.05
CA ASP C 236 16.97 37.23 16.07
C ASP C 236 15.60 37.46 15.43
N PRO C 237 15.51 37.60 14.11
CA PRO C 237 14.19 37.76 13.48
C PRO C 237 13.28 36.56 13.70
N PHE C 238 13.85 35.35 13.71
CA PHE C 238 13.05 34.16 14.00
C PHE C 238 12.53 34.18 15.42
N PHE C 239 13.12 34.98 16.30
CA PHE C 239 12.55 35.18 17.62
C PHE C 239 11.48 36.27 17.60
N LEU C 240 11.67 37.32 16.79
CA LEU C 240 10.68 38.38 16.71
C LEU C 240 9.36 37.89 16.14
N ILE C 241 9.41 37.07 15.09
CA ILE C 241 8.17 36.53 14.55
C ILE C 241 7.48 35.66 15.58
N GLU C 242 8.25 34.91 16.36
CA GLU C 242 7.67 34.10 17.43
C GLU C 242 7.00 34.97 18.48
N THR C 243 7.65 36.08 18.87
CA THR C 243 7.03 36.97 19.84
C THR C 243 5.73 37.54 19.31
N LEU C 244 5.71 37.93 18.03
CA LEU C 244 4.48 38.47 17.45
C LEU C 244 3.37 37.43 17.45
N CYS C 245 3.68 36.20 17.03
CA CYS C 245 2.68 35.15 17.00
C CYS C 245 2.16 34.84 18.39
N ILE C 246 3.05 34.76 19.38
CA ILE C 246 2.62 34.45 20.74
C ILE C 246 1.80 35.59 21.33
N ILE C 247 2.16 36.84 21.00
CA ILE C 247 1.38 37.98 21.47
C ILE C 247 -0.04 37.92 20.92
N TRP C 248 -0.16 37.65 19.62
CA TRP C 248 -1.49 37.53 19.03
C TRP C 248 -2.27 36.38 19.66
N PHE C 249 -1.60 35.24 19.87
CA PHE C 249 -2.28 34.08 20.46
C PHE C 249 -2.78 34.41 21.86
N THR C 250 -1.95 35.05 22.68
CA THR C 250 -2.37 35.36 24.04
C THR C 250 -3.46 36.42 24.07
N PHE C 251 -3.41 37.39 23.15
CA PHE C 251 -4.48 38.39 23.09
C PHE C 251 -5.80 37.74 22.72
N GLU C 252 -5.78 36.85 21.72
CA GLU C 252 -7.01 36.15 21.33
C GLU C 252 -7.52 35.28 22.46
N LEU C 253 -6.62 34.57 23.14
CA LEU C 253 -7.04 33.70 24.23
C LEU C 253 -7.65 34.50 25.37
N THR C 254 -7.03 35.61 25.75
CA THR C 254 -7.57 36.43 26.82
C THR C 254 -8.93 37.01 26.45
N VAL C 255 -9.06 37.49 25.20
CA VAL C 255 -10.34 38.04 24.77
C VAL C 255 -11.43 36.98 24.81
N ARG C 256 -11.13 35.78 24.31
CA ARG C 256 -12.11 34.71 24.30
C ARG C 256 -12.48 34.29 25.71
N PHE C 257 -11.50 34.22 26.61
CA PHE C 257 -11.79 33.85 27.99
C PHE C 257 -12.65 34.89 28.67
N LEU C 258 -12.36 36.17 28.46
CA LEU C 258 -13.16 37.21 29.09
C LEU C 258 -14.56 37.30 28.51
N ALA C 259 -14.71 36.99 27.22
CA ALA C 259 -16.00 37.05 26.56
C ALA C 259 -16.78 35.74 26.62
N CYS C 260 -16.24 34.71 27.27
CA CYS C 260 -16.92 33.44 27.33
C CYS C 260 -18.16 33.54 28.23
N PRO C 261 -19.20 32.74 27.94
CA PRO C 261 -20.38 32.77 28.81
C PRO C 261 -20.14 32.10 30.15
N ASN C 262 -19.37 31.01 30.18
CA ASN C 262 -19.06 30.31 31.42
C ASN C 262 -17.67 29.72 31.32
N LYS C 263 -17.01 29.59 32.48
CA LYS C 263 -15.62 29.16 32.52
C LYS C 263 -15.48 27.65 32.30
N LEU C 264 -16.45 26.85 32.72
CA LEU C 264 -16.31 25.40 32.66
C LEU C 264 -16.20 24.92 31.23
N ASN C 265 -17.12 25.37 30.35
CA ASN C 265 -17.07 24.97 28.96
C ASN C 265 -15.81 25.48 28.27
N PHE C 266 -15.38 26.70 28.62
CA PHE C 266 -14.18 27.27 28.03
C PHE C 266 -12.95 26.43 28.39
N CYS C 267 -12.84 26.01 29.64
CA CYS C 267 -11.71 25.21 30.08
C CYS C 267 -11.86 23.74 29.74
N ARG C 268 -13.03 23.30 29.29
CA ARG C 268 -13.25 21.90 28.93
C ARG C 268 -13.18 21.64 27.44
N ASP C 269 -13.36 22.66 26.60
CA ASP C 269 -13.39 22.46 25.16
C ASP C 269 -12.00 22.19 24.62
N VAL C 270 -11.90 21.19 23.74
CA VAL C 270 -10.60 20.74 23.24
C VAL C 270 -9.92 21.84 22.42
N MET C 271 -10.68 22.53 21.58
CA MET C 271 -10.10 23.56 20.72
C MET C 271 -9.52 24.70 21.53
N ASN C 272 -9.86 24.81 22.81
CA ASN C 272 -9.29 25.82 23.69
C ASN C 272 -8.10 25.26 24.48
N VAL C 273 -8.20 24.00 24.93
CA VAL C 273 -7.08 23.42 25.67
C VAL C 273 -5.86 23.29 24.77
N ILE C 274 -6.07 23.00 23.48
CA ILE C 274 -4.95 22.94 22.55
C ILE C 274 -4.31 24.32 22.42
N ASP C 275 -5.12 25.38 22.47
CA ASP C 275 -4.56 26.72 22.50
C ASP C 275 -3.73 26.95 23.76
N ILE C 276 -4.20 26.42 24.90
CA ILE C 276 -3.42 26.55 26.13
C ILE C 276 -2.07 25.86 25.99
N ILE C 277 -2.04 24.68 25.37
CA ILE C 277 -0.75 24.01 25.17
C ILE C 277 0.13 24.77 24.19
N ALA C 278 -0.45 25.56 23.30
CA ALA C 278 0.33 26.22 22.25
C ALA C 278 1.04 27.47 22.72
N ILE C 279 0.72 27.99 23.92
CA ILE C 279 1.32 29.21 24.41
C ILE C 279 2.36 28.96 25.50
N ILE C 280 2.20 27.89 26.30
CA ILE C 280 3.14 27.64 27.39
C ILE C 280 4.59 27.51 26.94
N PRO C 281 4.93 26.83 25.85
CA PRO C 281 6.36 26.62 25.55
C PRO C 281 7.15 27.91 25.40
N TYR C 282 6.54 28.98 24.88
CA TYR C 282 7.23 30.26 24.82
C TYR C 282 7.59 30.77 26.21
N PHE C 283 6.65 30.68 27.16
CA PHE C 283 6.89 31.26 28.48
C PHE C 283 8.00 30.52 29.20
N ILE C 284 8.09 29.21 29.03
CA ILE C 284 9.20 28.45 29.62
C ILE C 284 10.52 28.91 29.01
N THR C 285 10.55 29.12 27.70
CA THR C 285 11.77 29.59 27.04
C THR C 285 12.13 30.99 27.52
N LEU C 286 11.13 31.85 27.70
CA LEU C 286 11.39 33.22 28.13
C LEU C 286 12.01 33.28 29.52
N ALA C 287 11.60 32.38 30.41
CA ALA C 287 12.10 32.40 31.78
C ALA C 287 13.61 32.16 31.81
N THR C 288 14.10 31.23 30.99
CA THR C 288 15.54 30.94 30.97
C THR C 288 16.33 32.15 30.46
N VAL C 289 15.80 32.88 29.48
CA VAL C 289 16.50 34.04 28.96
C VAL C 289 16.62 35.12 30.03
N VAL C 290 15.54 35.36 30.77
CA VAL C 290 15.54 36.36 31.83
C VAL C 290 16.40 35.90 33.00
N SER C 316 18.45 17.41 32.17
CA SER C 316 17.47 18.49 32.10
C SER C 316 17.34 19.02 30.67
N LEU C 317 18.36 18.77 29.85
CA LEU C 317 18.32 19.20 28.46
C LEU C 317 17.23 18.50 27.68
N ALA C 318 17.00 17.21 27.95
CA ALA C 318 15.93 16.48 27.27
C ALA C 318 14.57 17.09 27.59
N ILE C 319 14.37 17.51 28.83
CA ILE C 319 13.13 18.20 29.18
C ILE C 319 13.01 19.50 28.42
N LEU C 320 14.13 20.20 28.22
CA LEU C 320 14.12 21.43 27.43
C LEU C 320 13.83 21.14 25.96
N ARG C 321 14.04 19.91 25.51
CA ARG C 321 13.80 19.57 24.11
C ARG C 321 12.35 19.20 23.85
N VAL C 322 11.73 18.45 24.76
CA VAL C 322 10.36 17.99 24.54
C VAL C 322 9.39 19.16 24.55
N ILE C 323 9.63 20.16 25.41
CA ILE C 323 8.77 21.34 25.42
C ILE C 323 8.88 22.10 24.11
N ARG C 324 10.07 22.12 23.51
CA ARG C 324 10.19 22.69 22.17
C ARG C 324 9.38 21.89 21.15
N LEU C 325 9.36 20.57 21.30
CA LEU C 325 8.62 19.73 20.36
C LEU C 325 7.13 20.01 20.43
N VAL C 326 6.59 20.20 21.65
CA VAL C 326 5.15 20.29 21.84
C VAL C 326 4.54 21.51 21.15
N ARG C 327 5.36 22.40 20.58
CA ARG C 327 4.83 23.50 19.78
C ARG C 327 4.18 23.03 18.49
N VAL C 328 4.36 21.76 18.11
CA VAL C 328 3.81 21.27 16.85
C VAL C 328 2.30 21.38 16.84
N PHE C 329 1.67 21.33 18.03
CA PHE C 329 0.22 21.37 18.13
C PHE C 329 -0.38 22.70 17.69
N ARG C 330 0.44 23.63 17.19
CA ARG C 330 -0.10 24.87 16.64
C ARG C 330 -0.98 24.62 15.42
N ILE C 331 -0.82 23.49 14.75
CA ILE C 331 -1.64 23.20 13.58
C ILE C 331 -3.09 23.00 13.97
N PHE C 332 -3.35 22.47 15.16
CA PHE C 332 -4.67 21.98 15.50
C PHE C 332 -5.71 23.08 15.66
N LYS C 333 -5.31 24.35 15.78
CA LYS C 333 -6.33 25.39 15.80
C LYS C 333 -6.97 25.59 14.43
N LEU C 334 -6.38 25.07 13.35
CA LEU C 334 -6.99 25.17 12.04
C LEU C 334 -8.32 24.45 11.96
N SER C 335 -8.56 23.49 12.84
CA SER C 335 -9.84 22.78 12.84
C SER C 335 -10.99 23.72 13.16
N ARG C 336 -10.75 24.76 13.96
CA ARG C 336 -11.81 25.71 14.29
C ARG C 336 -12.30 26.44 13.05
N HIS C 337 -11.39 26.86 12.18
CA HIS C 337 -11.75 27.67 11.02
C HIS C 337 -12.01 26.83 9.77
N SER C 338 -11.73 25.53 9.81
CA SER C 338 -12.00 24.66 8.68
C SER C 338 -13.34 23.96 8.88
N LYS C 339 -14.28 24.23 7.98
CA LYS C 339 -15.62 23.65 8.12
C LYS C 339 -15.59 22.14 7.98
N GLY C 340 -14.80 21.61 7.04
CA GLY C 340 -14.76 20.18 6.81
C GLY C 340 -13.86 19.41 7.76
N LEU C 341 -12.88 20.08 8.36
CA LEU C 341 -12.01 19.39 9.30
C LEU C 341 -12.75 18.96 10.55
N GLN C 342 -13.75 19.75 10.97
CA GLN C 342 -14.58 19.32 12.10
C GLN C 342 -15.35 18.06 11.77
N ARG C 343 -15.91 17.97 10.56
CA ARG C 343 -16.61 16.76 10.16
C ARG C 343 -15.65 15.57 10.08
N LEU C 344 -14.45 15.79 9.55
CA LEU C 344 -13.47 14.71 9.49
C LEU C 344 -13.07 14.24 10.89
N GLY C 345 -12.88 15.18 11.81
CA GLY C 345 -12.55 14.81 13.17
C GLY C 345 -13.67 14.05 13.85
N ARG C 346 -14.92 14.46 13.61
CA ARG C 346 -16.06 13.73 14.16
C ARG C 346 -16.12 12.32 13.59
N THR C 347 -15.89 12.17 12.29
CA THR C 347 -15.88 10.84 11.69
C THR C 347 -14.79 9.96 12.28
N LEU C 348 -13.60 10.52 12.47
CA LEU C 348 -12.52 9.75 13.08
C LEU C 348 -12.85 9.37 14.53
N LYS C 349 -13.40 10.32 15.29
CA LYS C 349 -13.69 10.06 16.69
C LYS C 349 -14.78 9.00 16.85
N ALA C 350 -15.80 9.04 16.00
CA ALA C 350 -16.86 8.05 16.08
C ALA C 350 -16.37 6.64 15.79
N SER C 351 -15.28 6.50 15.05
CA SER C 351 -14.71 5.20 14.72
C SER C 351 -13.48 4.87 15.57
N MET C 352 -13.19 5.66 16.60
CA MET C 352 -12.00 5.43 17.40
C MET C 352 -12.07 4.12 18.16
N ARG C 353 -13.27 3.73 18.62
CA ARG C 353 -13.39 2.51 19.41
C ARG C 353 -12.99 1.27 18.59
N GLU C 354 -13.46 1.20 17.34
CA GLU C 354 -13.09 0.06 16.49
C GLU C 354 -11.67 0.17 15.97
N LEU C 355 -11.19 1.39 15.73
CA LEU C 355 -9.81 1.55 15.31
C LEU C 355 -8.83 1.12 16.40
N GLY C 356 -9.18 1.34 17.66
CA GLY C 356 -8.35 0.82 18.73
C GLY C 356 -8.26 -0.69 18.73
N LEU C 357 -9.39 -1.36 18.48
CA LEU C 357 -9.37 -2.82 18.36
C LEU C 357 -8.53 -3.26 17.17
N LEU C 358 -8.62 -2.53 16.06
CA LEU C 358 -7.80 -2.86 14.90
C LEU C 358 -6.31 -2.71 15.23
N ILE C 359 -5.96 -1.66 15.96
CA ILE C 359 -4.57 -1.45 16.37
C ILE C 359 -4.12 -2.57 17.30
N PHE C 360 -5.01 -3.02 18.17
CA PHE C 360 -4.68 -4.14 19.05
C PHE C 360 -4.41 -5.41 18.25
N PHE C 361 -5.24 -5.68 17.24
CA PHE C 361 -4.99 -6.82 16.37
C PHE C 361 -3.66 -6.68 15.64
N LEU C 362 -3.35 -5.47 15.17
CA LEU C 362 -2.08 -5.24 14.51
C LEU C 362 -0.92 -5.49 15.45
N PHE C 363 -1.06 -5.09 16.72
CA PHE C 363 -0.02 -5.34 17.70
C PHE C 363 0.18 -6.84 17.94
N ILE C 364 -0.92 -7.58 18.03
CA ILE C 364 -0.82 -9.03 18.20
C ILE C 364 -0.08 -9.64 17.02
N GLY C 365 -0.48 -9.26 15.80
CA GLY C 365 0.17 -9.78 14.63
C GLY C 365 1.64 -9.39 14.54
N VAL C 366 1.96 -8.17 14.96
CA VAL C 366 3.34 -7.70 14.87
C VAL C 366 4.22 -8.45 15.85
N VAL C 367 3.71 -8.73 17.06
CA VAL C 367 4.47 -9.52 18.01
C VAL C 367 4.67 -10.93 17.49
N LEU C 368 3.61 -11.54 16.95
CA LEU C 368 3.72 -12.90 16.44
C LEU C 368 4.76 -12.98 15.32
N PHE C 369 4.70 -12.05 14.38
CA PHE C 369 5.62 -12.11 13.24
C PHE C 369 7.04 -11.75 13.64
N SER C 370 7.22 -10.82 14.58
CA SER C 370 8.56 -10.52 15.06
C SER C 370 9.18 -11.75 15.71
N SER C 371 8.41 -12.43 16.57
CA SER C 371 8.93 -13.64 17.20
C SER C 371 9.26 -14.70 16.15
N ALA C 372 8.38 -14.90 15.18
CA ALA C 372 8.61 -15.92 14.17
C ALA C 372 9.85 -15.61 13.36
N VAL C 373 10.01 -14.36 12.93
CA VAL C 373 11.15 -14.01 12.08
C VAL C 373 12.45 -14.07 12.86
N TYR C 374 12.44 -13.65 14.13
CA TYR C 374 13.67 -13.75 14.91
C TYR C 374 14.07 -15.21 15.12
N PHE C 375 13.11 -16.07 15.43
CA PHE C 375 13.46 -17.47 15.68
C PHE C 375 13.86 -18.18 14.39
N ALA C 376 13.30 -17.79 13.26
CA ALA C 376 13.72 -18.37 11.99
C ALA C 376 15.07 -17.84 11.53
N GLU C 377 15.42 -16.62 11.95
CA GLU C 377 16.64 -15.96 11.51
C GLU C 377 17.77 -16.08 12.53
N ALA C 378 17.60 -16.89 13.57
CA ALA C 378 18.63 -17.03 14.59
C ALA C 378 19.88 -17.72 14.07
N GLY C 379 19.75 -18.56 13.04
CA GLY C 379 20.86 -19.32 12.52
C GLY C 379 21.76 -18.59 11.55
N SER C 380 21.50 -17.32 11.28
CA SER C 380 22.29 -16.53 10.34
C SER C 380 23.18 -15.57 11.11
N GLU C 381 24.48 -15.60 10.82
CA GLU C 381 25.42 -14.71 11.49
C GLU C 381 25.34 -13.27 10.99
N ASN C 382 24.84 -13.05 9.78
CA ASN C 382 24.74 -11.73 9.20
C ASN C 382 23.34 -11.14 9.27
N SER C 383 22.45 -11.74 10.06
CA SER C 383 21.09 -11.27 10.17
C SER C 383 21.03 -9.91 10.86
N PHE C 384 20.07 -9.08 10.43
CA PHE C 384 19.85 -7.80 11.07
C PHE C 384 18.98 -7.90 12.32
N PHE C 385 18.33 -9.04 12.55
CA PHE C 385 17.42 -9.19 13.68
C PHE C 385 18.21 -9.69 14.88
N LYS C 386 18.65 -8.76 15.71
CA LYS C 386 19.38 -9.13 16.92
C LYS C 386 18.45 -9.66 18.01
N SER C 387 17.24 -9.14 18.08
CA SER C 387 16.31 -9.55 19.12
C SER C 387 14.89 -9.22 18.67
N ILE C 388 13.91 -9.69 19.46
CA ILE C 388 12.51 -9.40 19.15
C ILE C 388 12.24 -7.90 19.09
N PRO C 389 12.72 -7.06 20.01
CA PRO C 389 12.52 -5.62 19.84
C PRO C 389 13.09 -5.08 18.55
N ASP C 390 14.23 -5.63 18.10
CA ASP C 390 14.76 -5.23 16.80
C ASP C 390 13.84 -5.63 15.67
N ALA C 391 13.27 -6.84 15.75
CA ALA C 391 12.36 -7.31 14.72
C ALA C 391 11.01 -6.60 14.75
N PHE C 392 10.70 -5.91 15.85
CA PHE C 392 9.44 -5.16 15.92
C PHE C 392 9.37 -4.10 14.83
N TRP C 393 10.48 -3.39 14.61
CA TRP C 393 10.50 -2.36 13.58
C TRP C 393 10.22 -2.96 12.21
N TRP C 394 10.88 -4.06 11.88
CA TRP C 394 10.65 -4.69 10.59
C TRP C 394 9.23 -5.20 10.46
N ALA C 395 8.68 -5.78 11.52
CA ALA C 395 7.34 -6.34 11.42
C ALA C 395 6.30 -5.24 11.27
N VAL C 396 6.49 -4.10 11.93
CA VAL C 396 5.60 -2.96 11.71
C VAL C 396 5.75 -2.46 10.28
N VAL C 397 6.99 -2.34 9.79
CA VAL C 397 7.24 -1.85 8.45
C VAL C 397 6.68 -2.80 7.39
N THR C 398 6.48 -4.06 7.74
CA THR C 398 5.90 -5.02 6.81
C THR C 398 4.38 -5.05 6.88
N MET C 399 3.82 -5.16 8.08
CA MET C 399 2.36 -5.23 8.21
C MET C 399 1.71 -3.97 7.66
N THR C 400 2.17 -2.80 8.08
CA THR C 400 1.91 -1.61 7.30
C THR C 400 2.65 -1.74 5.99
N THR C 401 1.99 -1.41 4.88
CA THR C 401 2.57 -1.70 3.58
C THR C 401 3.53 -0.63 3.12
N VAL C 402 4.51 -0.28 3.96
CA VAL C 402 5.53 0.70 3.60
C VAL C 402 6.77 0.03 3.03
N GLY C 403 7.42 -0.84 3.80
CA GLY C 403 8.51 -1.65 3.29
C GLY C 403 9.81 -0.93 3.02
N TYR C 404 10.48 -0.46 4.06
CA TYR C 404 11.85 0.02 3.91
C TYR C 404 12.79 -1.13 3.61
N GLY C 405 13.86 -0.84 2.89
CA GLY C 405 14.87 -1.83 2.61
C GLY C 405 15.94 -1.96 3.67
N ASP C 406 15.82 -1.25 4.79
CA ASP C 406 16.86 -1.24 5.80
C ASP C 406 16.91 -2.53 6.60
N MET C 407 15.84 -3.32 6.60
CA MET C 407 15.77 -4.56 7.37
C MET C 407 14.98 -5.58 6.58
N THR C 408 15.67 -6.60 6.05
CA THR C 408 15.03 -7.68 5.33
C THR C 408 15.65 -9.00 5.75
N PRO C 409 14.86 -10.07 5.83
CA PRO C 409 15.44 -11.38 6.10
C PRO C 409 16.27 -11.87 4.92
N VAL C 410 17.25 -12.72 5.22
CA VAL C 410 18.12 -13.25 4.18
C VAL C 410 17.99 -14.76 4.10
N GLY C 411 17.60 -15.39 5.20
CA GLY C 411 17.41 -16.82 5.21
C GLY C 411 16.15 -17.25 4.49
N VAL C 412 16.08 -18.54 4.18
CA VAL C 412 14.90 -19.08 3.51
C VAL C 412 13.70 -19.04 4.44
N TRP C 413 13.88 -19.51 5.68
CA TRP C 413 12.80 -19.47 6.65
C TRP C 413 12.40 -18.04 6.98
N GLY C 414 13.40 -17.15 7.09
CA GLY C 414 13.09 -15.75 7.26
C GLY C 414 12.28 -15.18 6.12
N LYS C 415 12.60 -15.62 4.89
CA LYS C 415 11.84 -15.16 3.73
C LYS C 415 10.41 -15.68 3.77
N ILE C 416 10.22 -16.92 4.20
CA ILE C 416 8.86 -17.46 4.32
C ILE C 416 8.07 -16.68 5.36
N VAL C 417 8.68 -16.40 6.51
CA VAL C 417 8.00 -15.64 7.55
C VAL C 417 7.68 -14.23 7.05
N GLY C 418 8.60 -13.62 6.31
CA GLY C 418 8.35 -12.31 5.75
C GLY C 418 7.21 -12.32 4.73
N SER C 419 7.13 -13.38 3.93
CA SER C 419 6.03 -13.52 2.99
C SER C 419 4.69 -13.61 3.72
N LEU C 420 4.64 -14.41 4.79
CA LEU C 420 3.42 -14.49 5.58
C LEU C 420 3.08 -13.15 6.20
N CYS C 421 4.10 -12.43 6.69
CA CYS C 421 3.87 -11.12 7.28
C CYS C 421 3.34 -10.14 6.24
N ALA C 422 3.85 -10.22 5.00
CA ALA C 422 3.35 -9.35 3.95
C ALA C 422 1.90 -9.66 3.60
N ILE C 423 1.55 -10.94 3.56
CA ILE C 423 0.15 -11.31 3.31
C ILE C 423 -0.74 -10.75 4.41
N ALA C 424 -0.33 -10.94 5.67
CA ALA C 424 -1.09 -10.38 6.77
C ALA C 424 -1.12 -8.85 6.70
N GLY C 425 -0.09 -8.24 6.13
CA GLY C 425 -0.10 -6.80 5.96
C GLY C 425 -1.13 -6.34 4.96
N VAL C 426 -1.26 -7.06 3.85
CA VAL C 426 -2.36 -6.78 2.92
C VAL C 426 -3.70 -6.93 3.64
N LEU C 427 -3.83 -7.98 4.44
CA LEU C 427 -5.07 -8.18 5.19
C LEU C 427 -5.35 -7.01 6.12
N THR C 428 -4.32 -6.51 6.81
CA THR C 428 -4.50 -5.45 7.80
C THR C 428 -4.60 -4.07 7.17
N ILE C 429 -4.19 -3.91 5.92
CA ILE C 429 -4.43 -2.65 5.23
C ILE C 429 -5.81 -2.64 4.58
N ALA C 430 -6.36 -3.82 4.27
CA ALA C 430 -7.75 -3.90 3.84
C ALA C 430 -8.72 -3.91 5.01
N LEU C 431 -8.24 -4.16 6.23
CA LEU C 431 -9.13 -4.29 7.37
C LEU C 431 -9.87 -3.00 7.73
N PRO C 432 -9.21 -1.84 7.85
CA PRO C 432 -9.92 -0.66 8.38
C PRO C 432 -10.85 0.03 7.40
N VAL C 433 -10.91 -0.43 6.14
CA VAL C 433 -11.79 0.23 5.17
C VAL C 433 -13.25 0.18 5.56
N PRO C 434 -13.83 -0.97 5.93
CA PRO C 434 -15.24 -0.96 6.38
C PRO C 434 -15.46 -0.16 7.64
N VAL C 435 -14.44 0.02 8.48
CA VAL C 435 -14.61 0.82 9.69
C VAL C 435 -14.76 2.30 9.33
N ILE C 436 -13.99 2.77 8.34
CA ILE C 436 -14.13 4.15 7.89
C ILE C 436 -15.51 4.34 7.26
N VAL C 437 -15.94 3.40 6.43
CA VAL C 437 -17.32 3.41 5.97
C VAL C 437 -18.25 3.16 7.16
N SER C 438 -19.52 3.51 6.99
CA SER C 438 -20.54 3.47 8.04
C SER C 438 -20.27 4.55 9.07
N ASN C 439 -19.17 5.28 8.91
CA ASN C 439 -18.93 6.55 9.58
C ASN C 439 -18.88 7.69 8.57
N PHE C 440 -18.03 7.56 7.55
CA PHE C 440 -18.20 8.34 6.34
C PHE C 440 -19.46 7.85 5.63
N ASN C 441 -20.04 8.75 4.81
CA ASN C 441 -21.29 8.49 4.10
C ASN C 441 -22.46 8.45 5.09
N TYR C 442 -22.14 8.53 6.38
CA TYR C 442 -23.15 8.61 7.44
C TYR C 442 -23.20 9.98 8.09
N PHE C 443 -22.04 10.60 8.32
CA PHE C 443 -22.00 11.95 8.88
C PHE C 443 -22.28 13.04 7.85
N TYR C 444 -22.20 12.71 6.56
CA TYR C 444 -22.37 13.72 5.52
C TYR C 444 -23.74 13.66 4.85
N HIS C 445 -24.60 12.73 5.24
CA HIS C 445 -25.94 12.63 4.69
C HIS C 445 -27.04 12.86 5.72
N ARG C 446 -26.71 12.85 7.01
CA ARG C 446 -27.69 13.11 8.06
C ARG C 446 -27.06 13.83 9.23
N GLN D 169 -19.66 25.75 -42.66
CA GLN D 169 -19.36 25.79 -41.23
C GLN D 169 -19.95 24.59 -40.51
N ARG D 170 -21.27 24.45 -40.60
CA ARG D 170 -21.94 23.31 -39.97
C ARG D 170 -21.56 21.99 -40.63
N LYS D 171 -21.08 22.02 -41.88
CA LYS D 171 -20.64 20.79 -42.52
C LYS D 171 -19.36 20.26 -41.86
N VAL D 172 -18.37 21.12 -41.67
CA VAL D 172 -17.14 20.69 -41.01
C VAL D 172 -17.33 20.56 -39.50
N TRP D 173 -18.34 21.20 -38.93
CA TRP D 173 -18.77 20.84 -37.59
C TRP D 173 -19.58 19.55 -37.65
N LEU D 174 -19.73 18.91 -36.49
CA LEU D 174 -20.29 17.57 -36.38
C LEU D 174 -19.41 16.58 -37.13
N LEU D 175 -18.30 17.05 -37.67
CA LEU D 175 -17.28 16.24 -38.34
C LEU D 175 -15.93 16.37 -37.67
N PHE D 176 -15.54 17.58 -37.29
CA PHE D 176 -14.34 17.80 -36.49
C PHE D 176 -14.62 17.73 -34.99
N GLU D 177 -15.88 17.51 -34.59
CA GLU D 177 -16.24 17.50 -33.19
C GLU D 177 -17.01 16.25 -32.80
N TYR D 178 -17.75 15.67 -33.75
CA TYR D 178 -18.61 14.52 -33.49
C TYR D 178 -18.15 13.36 -34.36
N PRO D 179 -17.27 12.50 -33.87
CA PRO D 179 -16.77 11.38 -34.68
C PRO D 179 -17.86 10.42 -35.12
N GLU D 180 -18.91 10.24 -34.32
CA GLU D 180 -19.92 9.24 -34.62
C GLU D 180 -20.85 9.66 -35.75
N SER D 181 -20.78 10.91 -36.20
CA SER D 181 -21.72 11.38 -37.21
C SER D 181 -21.52 10.66 -38.53
N SER D 182 -20.28 10.45 -38.95
CA SER D 182 -20.00 9.82 -40.23
C SER D 182 -18.66 9.10 -40.17
N GLN D 183 -18.40 8.29 -41.19
CA GLN D 183 -17.13 7.56 -41.25
C GLN D 183 -15.96 8.51 -41.39
N ALA D 184 -16.13 9.62 -42.11
CA ALA D 184 -15.06 10.60 -42.24
C ALA D 184 -14.71 11.21 -40.90
N ALA D 185 -15.72 11.51 -40.08
CA ALA D 185 -15.47 12.05 -38.75
C ALA D 185 -14.73 11.05 -37.87
N ARG D 186 -15.10 9.77 -37.97
CA ARG D 186 -14.39 8.74 -37.21
C ARG D 186 -12.94 8.63 -37.67
N VAL D 187 -12.71 8.75 -38.98
CA VAL D 187 -11.35 8.73 -39.50
C VAL D 187 -10.56 9.91 -38.97
N VAL D 188 -11.17 11.09 -38.93
CA VAL D 188 -10.51 12.28 -38.42
C VAL D 188 -10.14 12.09 -36.94
N ALA D 189 -11.08 11.55 -36.15
CA ALA D 189 -10.80 11.30 -34.74
C ALA D 189 -9.67 10.30 -34.57
N ILE D 190 -9.67 9.24 -35.39
CA ILE D 190 -8.61 8.23 -35.30
C ILE D 190 -7.25 8.85 -35.64
N ILE D 191 -7.21 9.68 -36.68
CA ILE D 191 -5.94 10.30 -37.05
C ILE D 191 -5.49 11.28 -35.98
N SER D 192 -6.43 11.95 -35.32
CA SER D 192 -6.07 12.84 -34.22
C SER D 192 -5.48 12.06 -33.05
N VAL D 193 -6.08 10.91 -32.72
CA VAL D 193 -5.53 10.07 -31.66
C VAL D 193 -4.14 9.60 -32.04
N PHE D 194 -3.95 9.19 -33.30
CA PHE D 194 -2.65 8.73 -33.74
C PHE D 194 -1.60 9.84 -33.66
N VAL D 195 -1.98 11.06 -34.04
CA VAL D 195 -1.05 12.18 -33.97
C VAL D 195 -0.69 12.49 -32.52
N ILE D 196 -1.68 12.45 -31.62
CA ILE D 196 -1.40 12.71 -30.21
C ILE D 196 -0.43 11.66 -29.66
N LEU D 197 -0.68 10.39 -29.97
CA LEU D 197 0.19 9.32 -29.50
C LEU D 197 1.60 9.46 -30.07
N LEU D 198 1.70 9.81 -31.36
CA LEU D 198 3.01 9.99 -31.98
C LEU D 198 3.76 11.15 -31.33
N SER D 199 3.06 12.25 -31.06
CA SER D 199 3.71 13.38 -30.40
C SER D 199 4.19 13.02 -29.00
N ILE D 200 3.38 12.26 -28.25
CA ILE D 200 3.79 11.86 -26.92
C ILE D 200 5.00 10.94 -26.99
N VAL D 201 5.00 9.98 -27.91
CA VAL D 201 6.13 9.07 -28.04
C VAL D 201 7.39 9.83 -28.43
N ILE D 202 7.27 10.78 -29.34
CA ILE D 202 8.42 11.58 -29.76
C ILE D 202 8.94 12.41 -28.60
N PHE D 203 8.04 13.00 -27.82
CA PHE D 203 8.47 13.78 -26.67
C PHE D 203 9.21 12.92 -25.66
N CYS D 204 8.71 11.71 -25.40
CA CYS D 204 9.38 10.83 -24.46
C CYS D 204 10.72 10.35 -25.00
N LEU D 205 10.79 10.05 -26.30
CA LEU D 205 12.03 9.51 -26.88
C LEU D 205 13.10 10.56 -27.07
N GLU D 206 12.73 11.85 -27.14
CA GLU D 206 13.70 12.90 -27.42
C GLU D 206 14.74 13.01 -26.30
N THR D 207 14.36 12.69 -25.08
CA THR D 207 15.26 12.84 -23.94
C THR D 207 16.19 11.66 -23.73
N LEU D 208 16.11 10.63 -24.56
CA LEU D 208 17.00 9.49 -24.41
C LEU D 208 18.44 9.93 -24.65
N PRO D 209 19.40 9.40 -23.89
CA PRO D 209 20.80 9.84 -24.07
C PRO D 209 21.34 9.56 -25.45
N GLU D 210 20.94 8.45 -26.09
CA GLU D 210 21.46 8.14 -27.41
C GLU D 210 21.02 9.17 -28.44
N PHE D 211 19.76 9.58 -28.42
CA PHE D 211 19.25 10.51 -29.42
C PHE D 211 19.70 11.94 -29.15
N LYS D 212 19.81 12.32 -27.88
CA LYS D 212 20.22 13.67 -27.55
C LYS D 212 21.68 13.91 -27.91
N HIS D 213 22.01 15.16 -28.20
CA HIS D 213 23.36 15.56 -28.57
C HIS D 213 23.99 16.39 -27.45
N TYR D 214 25.29 16.62 -27.58
CA TYR D 214 26.03 17.40 -26.60
C TYR D 214 26.67 18.63 -27.25
N PRO D 232 18.32 22.31 -31.28
CA PRO D 232 17.73 21.60 -32.42
C PRO D 232 18.19 22.16 -33.76
N ASP D 233 17.80 21.51 -34.86
CA ASP D 233 18.21 21.93 -36.19
C ASP D 233 17.19 21.45 -37.21
N ILE D 234 17.39 21.88 -38.46
CA ILE D 234 16.39 21.65 -39.50
C ILE D 234 16.31 20.17 -39.87
N THR D 235 17.46 19.50 -39.94
CA THR D 235 17.52 18.13 -40.45
C THR D 235 17.20 17.08 -39.40
N ASP D 236 16.91 17.48 -38.17
CA ASP D 236 16.63 16.51 -37.11
C ASP D 236 15.31 15.81 -37.36
N PRO D 237 15.29 14.47 -37.47
CA PRO D 237 14.01 13.77 -37.68
C PRO D 237 13.01 13.99 -36.56
N PHE D 238 13.47 14.08 -35.31
CA PHE D 238 12.57 14.39 -34.22
C PHE D 238 11.93 15.76 -34.42
N PHE D 239 12.72 16.73 -34.89
CA PHE D 239 12.16 18.04 -35.19
C PHE D 239 11.12 17.95 -36.30
N LEU D 240 11.37 17.13 -37.32
CA LEU D 240 10.40 16.98 -38.40
C LEU D 240 9.08 16.39 -37.89
N ILE D 241 9.17 15.37 -37.04
CA ILE D 241 7.94 14.79 -36.51
C ILE D 241 7.21 15.80 -35.64
N GLU D 242 7.97 16.60 -34.87
CA GLU D 242 7.34 17.63 -34.06
C GLU D 242 6.65 18.67 -34.92
N THR D 243 7.27 19.08 -36.02
CA THR D 243 6.62 20.06 -36.90
C THR D 243 5.36 19.48 -37.52
N LEU D 244 5.39 18.21 -37.92
CA LEU D 244 4.19 17.60 -38.47
C LEU D 244 3.06 17.56 -37.44
N CYS D 245 3.38 17.13 -36.22
CA CYS D 245 2.37 17.07 -35.17
C CYS D 245 1.80 18.45 -34.85
N ILE D 246 2.67 19.46 -34.77
CA ILE D 246 2.21 20.80 -34.44
C ILE D 246 1.38 21.38 -35.59
N ILE D 247 1.75 21.08 -36.82
CA ILE D 247 0.97 21.55 -37.97
C ILE D 247 -0.42 20.95 -37.93
N TRP D 248 -0.51 19.64 -37.67
CA TRP D 248 -1.84 19.03 -37.57
C TRP D 248 -2.64 19.62 -36.42
N PHE D 249 -1.99 19.84 -35.27
CA PHE D 249 -2.68 20.40 -34.12
C PHE D 249 -3.22 21.77 -34.43
N THR D 250 -2.41 22.64 -35.03
CA THR D 250 -2.86 24.00 -35.30
C THR D 250 -3.95 24.02 -36.37
N PHE D 251 -3.84 23.16 -37.38
CA PHE D 251 -4.89 23.11 -38.39
C PHE D 251 -6.22 22.67 -37.78
N GLU D 252 -6.18 21.62 -36.95
CA GLU D 252 -7.40 21.15 -36.32
C GLU D 252 -7.98 22.20 -35.38
N LEU D 253 -7.13 22.86 -34.60
CA LEU D 253 -7.63 23.87 -33.68
C LEU D 253 -8.24 25.05 -34.43
N THR D 254 -7.60 25.50 -35.51
CA THR D 254 -8.15 26.59 -36.30
C THR D 254 -9.49 26.21 -36.91
N VAL D 255 -9.59 24.98 -37.44
CA VAL D 255 -10.85 24.55 -38.03
C VAL D 255 -11.95 24.50 -36.98
N ARG D 256 -11.63 23.96 -35.80
CA ARG D 256 -12.63 23.88 -34.73
C ARG D 256 -13.06 25.27 -34.26
N PHE D 257 -12.10 26.19 -34.14
CA PHE D 257 -12.42 27.55 -33.72
C PHE D 257 -13.30 28.25 -34.74
N LEU D 258 -13.00 28.09 -36.03
CA LEU D 258 -13.81 28.73 -37.06
C LEU D 258 -15.19 28.11 -37.17
N ALA D 259 -15.30 26.80 -36.93
CA ALA D 259 -16.57 26.11 -37.07
C ALA D 259 -17.42 26.11 -35.81
N CYS D 260 -16.89 26.63 -34.69
CA CYS D 260 -17.66 26.63 -33.46
C CYS D 260 -18.85 27.57 -33.58
N PRO D 261 -20.01 27.21 -33.03
CA PRO D 261 -21.17 28.11 -33.09
C PRO D 261 -21.12 29.25 -32.09
N ASN D 262 -20.24 29.19 -31.10
CA ASN D 262 -20.12 30.24 -30.09
C ASN D 262 -18.65 30.45 -29.77
N LYS D 263 -18.16 31.66 -30.00
CA LYS D 263 -16.77 31.98 -29.68
C LYS D 263 -16.55 32.16 -28.18
N LEU D 264 -17.60 32.53 -27.45
CA LEU D 264 -17.45 32.81 -26.02
C LEU D 264 -17.07 31.56 -25.24
N ASN D 265 -17.83 30.47 -25.43
CA ASN D 265 -17.57 29.26 -24.66
C ASN D 265 -16.45 28.42 -25.24
N PHE D 266 -16.01 28.69 -26.48
CA PHE D 266 -14.92 27.92 -27.06
C PHE D 266 -13.63 28.12 -26.27
N CYS D 267 -13.33 29.36 -25.90
CA CYS D 267 -12.15 29.62 -25.08
C CYS D 267 -12.33 29.13 -23.66
N ARG D 268 -13.54 29.20 -23.11
CA ARG D 268 -13.80 28.80 -21.74
C ARG D 268 -13.72 27.30 -21.53
N ASP D 269 -13.96 26.51 -22.58
CA ASP D 269 -13.96 25.05 -22.44
C ASP D 269 -12.55 24.52 -22.21
N VAL D 270 -12.42 23.64 -21.23
CA VAL D 270 -11.11 23.14 -20.84
C VAL D 270 -10.50 22.27 -21.94
N MET D 271 -11.32 21.52 -22.66
CA MET D 271 -10.80 20.65 -23.72
C MET D 271 -10.16 21.44 -24.85
N ASN D 272 -10.44 22.73 -24.95
CA ASN D 272 -9.77 23.61 -25.90
C ASN D 272 -8.60 24.36 -25.29
N VAL D 273 -8.66 24.68 -24.00
CA VAL D 273 -7.52 25.33 -23.37
C VAL D 273 -6.34 24.37 -23.29
N ILE D 274 -6.61 23.08 -23.03
CA ILE D 274 -5.52 22.11 -23.02
C ILE D 274 -4.88 22.01 -24.40
N ASP D 275 -5.68 22.15 -25.46
CA ASP D 275 -5.14 22.22 -26.81
C ASP D 275 -4.27 23.47 -26.98
N ILE D 276 -4.72 24.62 -26.47
CA ILE D 276 -4.02 25.86 -26.80
C ILE D 276 -2.73 25.99 -26.02
N ILE D 277 -2.62 25.37 -24.83
CA ILE D 277 -1.32 25.35 -24.17
C ILE D 277 -0.34 24.47 -24.94
N ALA D 278 -0.82 23.36 -25.51
CA ALA D 278 0.07 22.37 -26.12
C ALA D 278 0.75 22.86 -27.39
N ILE D 279 0.33 24.00 -27.94
CA ILE D 279 0.91 24.49 -29.20
C ILE D 279 1.94 25.57 -28.90
N ILE D 280 1.78 26.25 -27.76
CA ILE D 280 2.68 27.36 -27.41
C ILE D 280 4.15 26.96 -27.42
N PRO D 281 4.58 25.85 -26.81
CA PRO D 281 6.02 25.59 -26.69
C PRO D 281 6.75 25.53 -28.02
N TYR D 282 6.11 25.02 -29.07
CA TYR D 282 6.75 25.02 -30.38
C TYR D 282 7.04 26.44 -30.85
N PHE D 283 6.07 27.35 -30.72
CA PHE D 283 6.25 28.69 -31.27
C PHE D 283 7.35 29.44 -30.54
N ILE D 284 7.45 29.28 -29.22
CA ILE D 284 8.55 29.89 -28.48
C ILE D 284 9.88 29.32 -28.94
N THR D 285 9.95 28.00 -29.13
CA THR D 285 11.18 27.38 -29.60
C THR D 285 11.55 27.85 -30.99
N LEU D 286 10.56 28.01 -31.87
CA LEU D 286 10.82 28.41 -33.25
C LEU D 286 11.41 29.80 -33.32
N ALA D 287 10.97 30.71 -32.45
CA ALA D 287 11.46 32.08 -32.49
C ALA D 287 12.95 32.15 -32.22
N THR D 288 13.45 31.35 -31.26
CA THR D 288 14.87 31.35 -30.96
C THR D 288 15.69 30.82 -32.12
N VAL D 289 15.18 29.81 -32.81
CA VAL D 289 15.91 29.23 -33.94
C VAL D 289 16.06 30.27 -35.06
N VAL D 290 14.99 31.00 -35.36
CA VAL D 290 15.03 32.02 -36.40
C VAL D 290 15.86 33.22 -35.95
N SER D 316 17.87 32.58 -17.32
CA SER D 316 16.89 32.45 -18.39
C SER D 316 16.69 31.00 -18.79
N LEU D 317 17.68 30.16 -18.47
CA LEU D 317 17.57 28.74 -18.79
C LEU D 317 16.46 28.06 -18.00
N ALA D 318 16.14 28.59 -16.81
CA ALA D 318 15.02 28.03 -16.04
C ALA D 318 13.71 28.21 -16.78
N ILE D 319 13.53 29.35 -17.45
CA ILE D 319 12.35 29.56 -18.28
C ILE D 319 12.34 28.59 -19.45
N LEU D 320 13.53 28.18 -19.91
CA LEU D 320 13.60 27.23 -21.02
C LEU D 320 13.15 25.83 -20.61
N ARG D 321 13.40 25.44 -19.36
CA ARG D 321 13.05 24.09 -18.93
C ARG D 321 11.54 23.95 -18.71
N VAL D 322 10.87 24.98 -18.21
CA VAL D 322 9.45 24.86 -17.93
C VAL D 322 8.64 24.84 -19.23
N ILE D 323 9.01 25.67 -20.21
CA ILE D 323 8.27 25.69 -21.46
C ILE D 323 8.45 24.38 -22.21
N ARG D 324 9.60 23.73 -22.08
CA ARG D 324 9.76 22.38 -22.62
C ARG D 324 8.93 21.37 -21.84
N LEU D 325 8.81 21.57 -20.53
CA LEU D 325 8.08 20.62 -19.70
C LEU D 325 6.59 20.62 -20.04
N VAL D 326 6.01 21.81 -20.26
CA VAL D 326 4.57 21.95 -20.37
C VAL D 326 3.99 21.20 -21.57
N ARG D 327 4.82 20.68 -22.45
CA ARG D 327 4.34 19.83 -23.54
C ARG D 327 3.75 18.53 -23.04
N VAL D 328 3.95 18.17 -21.77
CA VAL D 328 3.45 16.90 -21.26
C VAL D 328 1.93 16.84 -21.36
N PHE D 329 1.28 18.00 -21.34
CA PHE D 329 -0.19 18.07 -21.38
C PHE D 329 -0.76 17.58 -22.69
N ARG D 330 0.06 17.10 -23.62
CA ARG D 330 -0.45 16.54 -24.86
C ARG D 330 -1.30 15.31 -24.63
N ILE D 331 -1.16 14.64 -23.48
CA ILE D 331 -1.97 13.45 -23.23
C ILE D 331 -3.43 13.83 -23.03
N PHE D 332 -3.70 15.03 -22.51
CA PHE D 332 -5.04 15.36 -22.03
C PHE D 332 -6.06 15.48 -23.15
N LYS D 333 -5.64 15.68 -24.40
CA LYS D 333 -6.63 15.67 -25.47
C LYS D 333 -7.19 14.28 -25.73
N LEU D 334 -6.57 13.22 -25.20
CA LEU D 334 -7.13 11.89 -25.34
C LEU D 334 -8.48 11.77 -24.63
N SER D 335 -8.76 12.63 -23.65
CA SER D 335 -10.05 12.59 -22.97
C SER D 335 -11.19 12.89 -23.92
N ARG D 336 -10.96 13.72 -24.94
CA ARG D 336 -12.01 14.04 -25.89
C ARG D 336 -12.48 12.80 -26.64
N HIS D 337 -11.55 11.96 -27.06
CA HIS D 337 -11.87 10.79 -27.86
C HIS D 337 -12.10 9.53 -27.04
N SER D 338 -11.93 9.60 -25.73
CA SER D 338 -12.19 8.46 -24.85
C SER D 338 -13.53 8.65 -24.16
N LYS D 339 -14.46 7.73 -24.43
CA LYS D 339 -15.81 7.87 -23.86
C LYS D 339 -15.78 7.73 -22.34
N GLY D 340 -15.00 6.79 -21.82
CA GLY D 340 -14.97 6.56 -20.39
C GLY D 340 -14.07 7.50 -19.61
N LEU D 341 -13.08 8.10 -20.27
CA LEU D 341 -12.20 9.01 -19.55
C LEU D 341 -12.93 10.26 -19.09
N GLN D 342 -13.88 10.76 -19.91
CA GLN D 342 -14.68 11.89 -19.49
C GLN D 342 -15.49 11.56 -18.24
N ARG D 343 -16.08 10.37 -18.21
CA ARG D 343 -16.86 9.97 -17.04
C ARG D 343 -15.96 9.81 -15.81
N LEU D 344 -14.77 9.25 -15.99
CA LEU D 344 -13.84 9.13 -14.86
C LEU D 344 -13.42 10.50 -14.36
N GLY D 345 -13.16 11.43 -15.26
CA GLY D 345 -12.82 12.79 -14.85
C GLY D 345 -13.96 13.47 -14.12
N ARG D 346 -15.20 13.25 -14.58
CA ARG D 346 -16.35 13.79 -13.87
C ARG D 346 -16.45 13.19 -12.47
N THR D 347 -16.21 11.88 -12.34
CA THR D 347 -16.24 11.25 -11.03
C THR D 347 -15.19 11.84 -10.11
N LEU D 348 -13.97 12.05 -10.64
CA LEU D 348 -12.92 12.65 -9.82
C LEU D 348 -13.27 14.08 -9.43
N LYS D 349 -13.81 14.86 -10.36
CA LYS D 349 -14.14 16.25 -10.07
C LYS D 349 -15.27 16.38 -9.07
N ALA D 350 -16.24 15.45 -9.10
CA ALA D 350 -17.34 15.51 -8.14
C ALA D 350 -16.87 15.30 -6.70
N SER D 351 -15.70 14.67 -6.52
CA SER D 351 -15.14 14.45 -5.19
C SER D 351 -13.90 15.30 -4.95
N MET D 352 -13.77 16.41 -5.66
CA MET D 352 -12.58 17.25 -5.52
C MET D 352 -12.48 17.86 -4.12
N ARG D 353 -13.60 18.31 -3.56
CA ARG D 353 -13.57 18.98 -2.27
C ARG D 353 -13.14 18.03 -1.15
N GLU D 354 -13.70 16.83 -1.13
CA GLU D 354 -13.32 15.85 -0.11
C GLU D 354 -11.88 15.38 -0.32
N LEU D 355 -11.42 15.28 -1.56
CA LEU D 355 -10.02 14.97 -1.81
C LEU D 355 -9.11 16.07 -1.28
N GLY D 356 -9.50 17.33 -1.45
CA GLY D 356 -8.73 18.42 -0.88
C GLY D 356 -8.71 18.38 0.64
N LEU D 357 -9.85 18.02 1.24
CA LEU D 357 -9.89 17.85 2.69
C LEU D 357 -8.93 16.76 3.14
N LEU D 358 -8.91 15.64 2.43
CA LEU D 358 -7.99 14.55 2.75
C LEU D 358 -6.54 15.00 2.59
N ILE D 359 -6.25 15.79 1.55
CA ILE D 359 -4.90 16.30 1.36
C ILE D 359 -4.51 17.22 2.51
N PHE D 360 -5.45 18.04 2.97
CA PHE D 360 -5.17 18.91 4.12
C PHE D 360 -4.88 18.09 5.37
N PHE D 361 -5.66 17.04 5.61
CA PHE D 361 -5.40 16.18 6.75
C PHE D 361 -4.04 15.50 6.62
N LEU D 362 -3.69 15.06 5.42
CA LEU D 362 -2.39 14.45 5.20
C LEU D 362 -1.26 15.44 5.45
N PHE D 363 -1.45 16.70 5.06
CA PHE D 363 -0.46 17.73 5.34
C PHE D 363 -0.30 17.94 6.84
N ILE D 364 -1.41 17.97 7.56
CA ILE D 364 -1.34 18.12 9.02
C ILE D 364 -0.53 16.96 9.62
N GLY D 365 -0.86 15.73 9.21
CA GLY D 365 -0.16 14.57 9.72
C GLY D 365 1.31 14.58 9.35
N VAL D 366 1.63 15.02 8.13
CA VAL D 366 3.00 15.02 7.66
C VAL D 366 3.84 16.02 8.44
N VAL D 367 3.27 17.20 8.74
CA VAL D 367 4.00 18.16 9.55
C VAL D 367 4.20 17.63 10.95
N LEU D 368 3.15 17.05 11.54
CA LEU D 368 3.26 16.54 12.91
C LEU D 368 4.33 15.46 13.00
N PHE D 369 4.32 14.50 12.06
CA PHE D 369 5.27 13.41 12.13
C PHE D 369 6.68 13.85 11.77
N SER D 370 6.83 14.79 10.85
CA SER D 370 8.16 15.32 10.57
C SER D 370 8.75 15.99 11.80
N SER D 371 7.94 16.81 12.48
CA SER D 371 8.43 17.45 13.70
C SER D 371 8.80 16.41 14.76
N ALA D 372 7.93 15.41 14.94
CA ALA D 372 8.20 14.40 15.97
C ALA D 372 9.47 13.63 15.65
N VAL D 373 9.65 13.21 14.40
CA VAL D 373 10.81 12.39 14.06
C VAL D 373 12.09 13.21 14.14
N TYR D 374 12.05 14.48 13.72
CA TYR D 374 13.25 15.30 13.83
C TYR D 374 13.63 15.54 15.29
N PHE D 375 12.64 15.82 16.14
CA PHE D 375 12.96 16.08 17.54
C PHE D 375 13.35 14.82 18.29
N ALA D 376 12.90 13.65 17.83
CA ALA D 376 13.34 12.40 18.44
C ALA D 376 14.60 11.84 17.81
N GLU D 377 15.09 12.44 16.72
CA GLU D 377 16.26 11.94 16.02
C GLU D 377 17.44 12.89 16.05
N ALA D 378 17.29 14.10 16.60
CA ALA D 378 18.39 15.06 16.61
C ALA D 378 19.55 14.61 17.51
N GLY D 379 19.33 13.65 18.39
CA GLY D 379 20.39 13.18 19.26
C GLY D 379 21.35 12.20 18.64
N SER D 380 21.15 11.84 17.37
CA SER D 380 22.03 10.92 16.67
C SER D 380 22.89 11.69 15.66
N GLU D 381 24.19 11.44 15.69
CA GLU D 381 25.10 12.15 14.81
C GLU D 381 25.02 11.64 13.37
N ASN D 382 24.54 10.42 13.15
CA ASN D 382 24.45 9.83 11.83
C ASN D 382 23.04 9.89 11.25
N SER D 383 22.15 10.66 11.87
CA SER D 383 20.78 10.74 11.40
C SER D 383 20.70 11.42 10.03
N PHE D 384 19.80 10.94 9.18
CA PHE D 384 19.58 11.58 7.90
C PHE D 384 18.77 12.86 8.02
N PHE D 385 17.91 12.95 9.03
CA PHE D 385 17.02 14.10 9.20
C PHE D 385 17.81 15.27 9.74
N LYS D 386 18.18 16.20 8.86
CA LYS D 386 18.89 17.40 9.28
C LYS D 386 17.95 18.51 9.75
N SER D 387 16.72 18.54 9.23
CA SER D 387 15.77 19.57 9.59
C SER D 387 14.37 19.09 9.26
N ILE D 388 13.38 19.85 9.73
CA ILE D 388 11.98 19.50 9.44
C ILE D 388 11.71 19.43 7.95
N PRO D 389 12.17 20.36 7.10
CA PRO D 389 11.96 20.18 5.66
C PRO D 389 12.59 18.89 5.12
N ASP D 390 13.73 18.48 5.67
CA ASP D 390 14.30 17.20 5.27
C ASP D 390 13.40 16.05 5.69
N ALA D 391 12.83 16.12 6.90
CA ALA D 391 11.96 15.06 7.37
C ALA D 391 10.61 15.06 6.66
N PHE D 392 10.27 16.14 5.95
CA PHE D 392 9.01 16.16 5.22
C PHE D 392 8.98 15.08 4.16
N TRP D 393 10.09 14.88 3.46
CA TRP D 393 10.15 13.85 2.43
C TRP D 393 9.89 12.47 3.02
N TRP D 394 10.55 12.16 4.14
CA TRP D 394 10.35 10.86 4.77
C TRP D 394 8.92 10.71 5.26
N ALA D 395 8.37 11.76 5.87
CA ALA D 395 7.03 11.64 6.44
C ALA D 395 5.99 11.44 5.34
N VAL D 396 6.12 12.13 4.21
CA VAL D 396 5.17 11.94 3.12
C VAL D 396 5.44 10.64 2.36
N VAL D 397 6.66 10.11 2.45
CA VAL D 397 6.93 8.80 1.86
C VAL D 397 6.45 7.68 2.76
N THR D 398 6.25 7.95 4.05
CA THR D 398 5.75 6.96 4.99
C THR D 398 4.23 6.96 5.08
N MET D 399 3.61 8.15 5.18
CA MET D 399 2.16 8.22 5.25
C MET D 399 1.53 7.63 4.01
N THR D 400 1.95 8.07 2.84
CA THR D 400 1.74 7.26 1.64
C THR D 400 2.55 5.98 1.79
N THR D 401 1.99 4.87 1.35
CA THR D 401 2.63 3.58 1.63
C THR D 401 3.73 3.23 0.63
N VAL D 402 4.33 4.22 -0.05
CA VAL D 402 5.42 3.92 -0.97
C VAL D 402 6.63 3.37 -0.21
N GLY D 403 7.05 4.07 0.83
CA GLY D 403 8.13 3.60 1.69
C GLY D 403 9.46 3.36 1.03
N TYR D 404 10.12 4.43 0.58
CA TYR D 404 11.49 4.30 0.09
C TYR D 404 12.44 4.01 1.24
N GLY D 405 13.51 3.28 0.92
CA GLY D 405 14.54 2.99 1.90
C GLY D 405 15.64 4.03 1.98
N ASP D 406 15.51 5.15 1.27
CA ASP D 406 16.57 6.16 1.25
C ASP D 406 16.63 6.97 2.54
N MET D 407 15.56 7.00 3.32
CA MET D 407 15.51 7.77 4.56
C MET D 407 14.75 6.96 5.59
N THR D 408 15.45 6.44 6.59
CA THR D 408 14.82 5.70 7.67
C THR D 408 15.43 6.14 8.99
N PRO D 409 14.63 6.18 10.07
CA PRO D 409 15.20 6.47 11.39
C PRO D 409 16.06 5.31 11.87
N VAL D 410 17.03 5.65 12.73
CA VAL D 410 17.95 4.65 13.26
C VAL D 410 17.83 4.58 14.77
N GLY D 411 17.41 5.67 15.39
CA GLY D 411 17.24 5.69 16.83
C GLY D 411 16.00 4.92 17.27
N VAL D 412 15.95 4.60 18.56
CA VAL D 412 14.80 3.91 19.11
C VAL D 412 13.57 4.80 19.07
N TRP D 413 13.71 6.05 19.54
CA TRP D 413 12.60 6.98 19.51
C TRP D 413 12.20 7.30 18.07
N GLY D 414 13.19 7.45 17.19
CA GLY D 414 12.88 7.61 15.78
C GLY D 414 12.10 6.43 15.23
N LYS D 415 12.45 5.22 15.66
CA LYS D 415 11.72 4.04 15.20
C LYS D 415 10.29 4.03 15.73
N ILE D 416 10.09 4.46 16.96
CA ILE D 416 8.73 4.53 17.50
C ILE D 416 7.90 5.55 16.72
N VAL D 417 8.49 6.72 16.45
CA VAL D 417 7.77 7.74 15.68
C VAL D 417 7.47 7.23 14.28
N GLY D 418 8.42 6.50 13.68
CA GLY D 418 8.17 5.92 12.37
C GLY D 418 7.06 4.88 12.39
N SER D 419 7.00 4.09 13.46
CA SER D 419 5.91 3.12 13.60
C SER D 419 4.56 3.83 13.67
N LEU D 420 4.49 4.89 14.47
CA LEU D 420 3.25 5.65 14.55
C LEU D 420 2.89 6.26 13.20
N CYS D 421 3.90 6.78 12.49
CA CYS D 421 3.65 7.36 11.18
C CYS D 421 3.16 6.30 10.19
N ALA D 422 3.71 5.09 10.27
CA ALA D 422 3.25 4.02 9.39
C ALA D 422 1.81 3.62 9.70
N ILE D 423 1.45 3.58 10.98
CA ILE D 423 0.05 3.28 11.34
C ILE D 423 -0.88 4.36 10.80
N ALA D 424 -0.50 5.62 11.01
CA ALA D 424 -1.31 6.71 10.46
C ALA D 424 -1.33 6.67 8.94
N GLY D 425 -0.28 6.15 8.32
CA GLY D 425 -0.28 5.99 6.88
C GLY D 425 -1.27 4.95 6.41
N VAL D 426 -1.35 3.83 7.13
CA VAL D 426 -2.40 2.85 6.84
C VAL D 426 -3.77 3.51 6.97
N LEU D 427 -3.96 4.32 8.02
CA LEU D 427 -5.23 5.01 8.21
C LEU D 427 -5.52 5.94 7.03
N THR D 428 -4.51 6.68 6.57
CA THR D 428 -4.71 7.68 5.53
C THR D 428 -4.78 7.08 4.13
N ILE D 429 -4.33 5.84 3.96
CA ILE D 429 -4.52 5.18 2.68
C ILE D 429 -5.85 4.44 2.63
N ALA D 430 -6.35 3.98 3.78
CA ALA D 430 -7.70 3.42 3.81
C ALA D 430 -8.77 4.49 3.91
N LEU D 431 -8.39 5.75 4.11
CA LEU D 431 -9.39 6.79 4.37
C LEU D 431 -10.13 7.23 3.13
N PRO D 432 -9.49 7.53 1.99
CA PRO D 432 -10.23 8.10 0.86
C PRO D 432 -11.07 7.09 0.08
N VAL D 433 -11.12 5.83 0.51
CA VAL D 433 -11.93 4.84 -0.22
C VAL D 433 -13.41 5.18 -0.21
N PRO D 434 -14.04 5.48 0.93
CA PRO D 434 -15.46 5.88 0.88
C PRO D 434 -15.72 7.16 0.12
N VAL D 435 -14.71 8.01 -0.05
CA VAL D 435 -14.90 9.21 -0.85
C VAL D 435 -15.04 8.86 -2.33
N ILE D 436 -14.23 7.90 -2.80
CA ILE D 436 -14.36 7.44 -4.18
C ILE D 436 -15.71 6.77 -4.38
N VAL D 437 -16.12 5.92 -3.43
CA VAL D 437 -17.48 5.42 -3.44
C VAL D 437 -18.43 6.60 -3.20
N SER D 438 -19.70 6.39 -3.55
CA SER D 438 -20.75 7.40 -3.62
C SER D 438 -20.50 8.39 -4.75
N ASN D 439 -19.39 8.28 -5.46
CA ASN D 439 -19.18 8.92 -6.76
C ASN D 439 -19.08 7.88 -7.86
N PHE D 440 -18.17 6.93 -7.72
CA PHE D 440 -18.30 5.68 -8.44
C PHE D 440 -19.50 4.91 -7.91
N ASN D 441 -20.08 4.07 -8.76
CA ASN D 441 -21.30 3.32 -8.46
C ASN D 441 -22.49 4.28 -8.37
N TYR D 442 -22.22 5.58 -8.45
CA TYR D 442 -23.24 6.61 -8.52
C TYR D 442 -23.41 7.14 -9.94
N PHE D 443 -22.31 7.36 -10.66
CA PHE D 443 -22.39 7.74 -12.06
C PHE D 443 -22.67 6.54 -12.96
N TYR D 444 -22.46 5.32 -12.48
CA TYR D 444 -22.73 4.13 -13.27
C TYR D 444 -24.16 3.63 -13.10
N HIS D 445 -24.93 4.20 -12.18
CA HIS D 445 -26.29 3.76 -11.91
C HIS D 445 -27.33 4.86 -12.06
N ARG D 446 -26.92 6.11 -12.30
CA ARG D 446 -27.87 7.20 -12.46
C ARG D 446 -27.37 8.19 -13.51
#